data_6P3Q
#
_entry.id   6P3Q
#
_cell.length_a   84.038
_cell.length_b   51.576
_cell.length_c   110.635
_cell.angle_alpha   90.000
_cell.angle_beta   110.425
_cell.angle_gamma   90.000
#
_symmetry.space_group_name_H-M   'P 1 21 1'
#
_entity_poly.entity_id   1
_entity_poly.type   'polypeptide(L)'
_entity_poly.pdbx_seq_one_letter_code
;GSHMFSCVKPYEDQNYSALRRDCRRRKVLFEDPLFPATDDSLYYKGTPGPAVRWKRPKGICEDPRLFVDGISSHDLHQGQ
VGNCWFVAACSSLASRESLWQKVIPDWKEQEWDPEKPNAYAGIFHFHFWRFGEWVDVVIDDRLPTVNNQLIYCHSNSRNE
FWCALVEKAYAKLAGCYQALDGGNTADALVDFTGGVSEPIDLTEGDFANDETKRNQLFERMLKVHSRGGLISASIKAVTA
ADMEARLACGLVKGHAYAVTDVRKVRLGHGLLAFFKSEKLDMIRLRNPWGEREWNGPWSDTSEEWQKVSKSEREKMGVTV
QDDGEFWMTFEDVCRYFTDIIKCRVILENLYFQGHHHHH
;
_entity_poly.pdbx_strand_id   A,B
#
# COMPACT_ATOMS: atom_id res chain seq x y z
N CYS A 7 12.41 6.00 4.77
CA CYS A 7 12.19 4.71 5.40
C CYS A 7 11.54 4.91 6.78
N VAL A 8 10.67 3.96 7.15
CA VAL A 8 9.85 4.12 8.35
C VAL A 8 10.75 4.06 9.59
N LYS A 9 10.53 5.00 10.51
CA LYS A 9 11.44 5.26 11.64
C LYS A 9 11.42 4.11 12.66
N PRO A 10 12.56 3.49 12.96
CA PRO A 10 12.56 2.35 13.90
C PRO A 10 12.34 2.81 15.34
N TYR A 11 11.41 2.13 16.01
CA TYR A 11 11.12 2.40 17.42
C TYR A 11 12.25 1.87 18.30
N GLU A 12 12.89 2.78 19.06
CA GLU A 12 13.92 2.42 20.03
C GLU A 12 15.11 1.73 19.37
N ASP A 13 15.55 2.29 18.24
CA ASP A 13 16.80 1.91 17.59
C ASP A 13 16.86 0.42 17.27
N GLN A 14 15.72 -0.19 16.93
CA GLN A 14 15.68 -1.62 16.65
C GLN A 14 15.41 -1.82 15.17
N ASN A 15 16.35 -2.46 14.49
CA ASN A 15 16.26 -2.69 13.05
C ASN A 15 15.78 -4.12 12.85
N TYR A 16 14.51 -4.29 12.48
CA TYR A 16 13.95 -5.62 12.26
C TYR A 16 14.86 -6.50 11.40
N SER A 17 15.09 -6.10 10.15
CA SER A 17 15.72 -7.01 9.19
C SER A 17 17.15 -7.36 9.60
N ALA A 18 17.84 -6.42 10.28
CA ALA A 18 19.19 -6.68 10.77
C ALA A 18 19.20 -7.73 11.87
N LEU A 19 18.42 -7.49 12.94
CA LEU A 19 18.24 -8.47 14.00
C LEU A 19 17.74 -9.81 13.46
N ARG A 20 16.77 -9.79 12.54
CA ARG A 20 16.27 -11.05 11.98
C ARG A 20 17.41 -11.83 11.29
N ARG A 21 18.11 -11.19 10.35
CA ARG A 21 19.11 -11.89 9.57
C ARG A 21 20.26 -12.37 10.44
N ASP A 22 20.55 -11.65 11.53
CA ASP A 22 21.47 -12.15 12.55
C ASP A 22 21.00 -13.49 13.11
N CYS A 23 19.77 -13.50 13.66
CA CYS A 23 19.20 -14.71 14.26
C CYS A 23 19.20 -15.88 13.29
N ARG A 24 18.90 -15.63 12.01
CA ARG A 24 18.92 -16.70 11.02
C ARG A 24 20.33 -17.24 10.81
N ARG A 25 21.32 -16.35 10.64
CA ARG A 25 22.69 -16.81 10.46
C ARG A 25 23.13 -17.66 11.65
N ARG A 26 22.71 -17.30 12.86
CA ARG A 26 23.08 -18.02 14.09
C ARG A 26 22.13 -19.16 14.46
N LYS A 27 20.98 -19.29 13.79
CA LYS A 27 19.99 -20.35 14.03
C LYS A 27 19.44 -20.31 15.46
N VAL A 28 19.11 -19.11 15.92
CA VAL A 28 18.51 -18.89 17.23
C VAL A 28 17.25 -18.05 17.01
N LEU A 29 16.32 -18.11 17.97
CA LEU A 29 15.08 -17.35 17.89
C LEU A 29 15.17 -16.08 18.70
N PHE A 30 14.79 -14.96 18.09
CA PHE A 30 14.99 -13.65 18.68
C PHE A 30 14.39 -13.56 20.09
N GLU A 31 15.17 -12.99 21.03
CA GLU A 31 14.68 -12.64 22.37
C GLU A 31 14.84 -11.13 22.54
N ASP A 32 13.72 -10.41 22.66
CA ASP A 32 13.69 -8.92 22.79
C ASP A 32 14.23 -8.41 24.13
N PRO A 33 15.33 -7.63 24.15
CA PRO A 33 15.82 -7.09 25.43
C PRO A 33 15.00 -5.93 25.99
N LEU A 34 14.30 -5.18 25.16
CA LEU A 34 13.60 -4.01 25.66
C LEU A 34 12.19 -4.32 26.10
N PHE A 35 11.68 -5.50 25.77
CA PHE A 35 10.35 -5.94 26.20
C PHE A 35 10.44 -7.43 26.54
N PRO A 36 11.08 -7.76 27.64
CA PRO A 36 11.44 -9.16 27.92
C PRO A 36 10.24 -9.97 28.39
N ALA A 37 10.45 -11.28 28.35
CA ALA A 37 9.40 -12.25 28.63
C ALA A 37 9.16 -12.39 30.13
N THR A 38 8.96 -11.27 30.82
CA THR A 38 9.00 -11.27 32.27
C THR A 38 7.84 -10.45 32.79
N ASP A 39 7.59 -10.55 34.09
CA ASP A 39 6.46 -9.84 34.65
C ASP A 39 6.60 -8.32 34.57
N ASP A 40 7.74 -7.80 34.12
CA ASP A 40 7.78 -6.35 33.98
C ASP A 40 7.09 -5.86 32.72
N SER A 41 7.04 -6.70 31.68
CA SER A 41 6.22 -6.41 30.52
C SER A 41 4.74 -6.61 30.80
N LEU A 42 4.38 -7.21 31.93
CA LEU A 42 2.99 -7.51 32.27
C LEU A 42 2.36 -6.48 33.17
N TYR A 43 2.91 -6.28 34.36
CA TYR A 43 2.24 -5.49 35.38
C TYR A 43 3.04 -4.24 35.72
N TYR A 44 2.31 -3.29 36.30
CA TYR A 44 2.94 -2.09 36.83
C TYR A 44 3.91 -2.51 37.93
N LYS A 45 4.92 -1.66 38.15
CA LYS A 45 5.94 -1.90 39.17
C LYS A 45 5.32 -2.27 40.52
N GLY A 46 5.72 -3.44 41.06
CA GLY A 46 5.27 -3.88 42.36
C GLY A 46 3.85 -4.41 42.44
N THR A 47 3.08 -4.37 41.35
CA THR A 47 1.72 -4.96 41.32
C THR A 47 1.85 -6.48 41.26
N PRO A 48 1.09 -7.23 42.08
CA PRO A 48 1.09 -8.69 41.97
C PRO A 48 0.13 -9.10 40.87
N GLY A 49 0.64 -9.79 39.86
CA GLY A 49 -0.21 -10.34 38.85
C GLY A 49 -0.15 -11.85 38.83
N PRO A 50 -1.06 -12.46 38.06
CA PRO A 50 -1.07 -13.91 37.90
C PRO A 50 0.27 -14.47 37.42
N ALA A 51 0.60 -15.64 37.91
CA ALA A 51 1.77 -16.33 37.37
C ALA A 51 1.43 -16.82 35.99
N VAL A 52 2.34 -16.53 35.07
CA VAL A 52 2.19 -16.67 33.64
C VAL A 52 3.32 -17.55 33.13
N ARG A 53 3.11 -18.22 32.00
CA ARG A 53 4.17 -18.90 31.28
C ARG A 53 4.25 -18.33 29.87
N TRP A 54 5.35 -17.68 29.55
CA TRP A 54 5.58 -17.16 28.21
C TRP A 54 5.93 -18.33 27.30
N LYS A 55 5.14 -18.57 26.24
CA LYS A 55 5.42 -19.62 25.27
C LYS A 55 5.50 -19.01 23.88
N ARG A 56 6.29 -19.63 23.05
CA ARG A 56 6.29 -19.29 21.64
C ARG A 56 5.17 -20.03 20.91
N PRO A 57 4.71 -19.49 19.78
CA PRO A 57 3.56 -20.11 19.10
C PRO A 57 3.72 -21.60 18.85
N LYS A 58 4.90 -22.05 18.41
CA LYS A 58 5.13 -23.50 18.27
C LYS A 58 4.73 -24.24 19.53
N GLY A 59 5.05 -23.68 20.69
CA GLY A 59 4.72 -24.32 21.94
C GLY A 59 3.28 -24.19 22.37
N ILE A 60 2.51 -23.35 21.70
CA ILE A 60 1.08 -23.24 22.00
C ILE A 60 0.26 -24.16 21.12
N CYS A 61 0.51 -24.15 19.81
CA CYS A 61 -0.22 -25.02 18.89
C CYS A 61 0.59 -25.18 17.61
N GLU A 62 0.83 -26.43 17.23
CA GLU A 62 1.58 -26.72 16.03
C GLU A 62 0.95 -26.02 14.81
N ASP A 63 1.78 -25.85 13.76
CA ASP A 63 1.46 -25.11 12.55
C ASP A 63 1.02 -23.69 12.86
N PRO A 64 1.83 -22.87 13.51
CA PRO A 64 1.36 -21.54 13.89
C PRO A 64 1.27 -20.61 12.68
N ARG A 65 0.20 -19.81 12.64
CA ARG A 65 -0.04 -18.88 11.54
C ARG A 65 -0.40 -17.49 12.04
N LEU A 66 0.05 -16.47 11.29
CA LEU A 66 -0.46 -15.11 11.46
C LEU A 66 -1.94 -15.04 11.17
N PHE A 67 -2.32 -15.51 9.97
CA PHE A 67 -3.71 -15.65 9.57
C PHE A 67 -3.97 -17.11 9.21
N VAL A 68 -4.95 -17.70 9.88
CA VAL A 68 -5.60 -18.90 9.41
C VAL A 68 -6.65 -18.43 8.42
N ASP A 69 -6.44 -18.72 7.13
CA ASP A 69 -7.28 -18.20 6.05
C ASP A 69 -7.13 -16.68 6.04
N GLY A 70 -8.19 -15.91 6.32
CA GLY A 70 -8.16 -14.46 6.29
C GLY A 70 -8.27 -13.81 7.67
N ILE A 71 -8.12 -12.48 7.67
CA ILE A 71 -7.93 -11.74 8.91
C ILE A 71 -9.23 -11.60 9.69
N SER A 72 -10.34 -11.32 9.01
CA SER A 72 -11.66 -11.30 9.66
C SER A 72 -12.57 -12.36 9.06
N HIS A 74 -11.93 -14.88 11.46
CA HIS A 74 -12.04 -15.54 12.76
C HIS A 74 -12.43 -14.62 13.88
N ASP A 75 -13.16 -15.17 14.84
CA ASP A 75 -13.65 -14.41 15.97
C ASP A 75 -12.52 -13.97 16.87
N LEU A 76 -12.76 -12.92 17.62
CA LEU A 76 -11.76 -12.42 18.53
C LEU A 76 -12.31 -12.51 19.94
N HIS A 77 -11.43 -12.87 20.85
CA HIS A 77 -11.72 -12.85 22.28
C HIS A 77 -10.64 -12.03 22.97
N GLN A 78 -11.05 -11.25 23.97
CA GLN A 78 -10.09 -10.48 24.74
C GLN A 78 -9.35 -11.35 25.74
N GLY A 79 -10.01 -12.37 26.27
CA GLY A 79 -9.38 -13.27 27.19
C GLY A 79 -9.76 -12.95 28.62
N GLN A 80 -9.11 -13.72 29.49
CA GLN A 80 -9.32 -13.60 30.93
C GLN A 80 -8.90 -12.23 31.44
N VAL A 81 -7.87 -11.64 30.85
CA VAL A 81 -7.33 -10.39 31.38
C VAL A 81 -7.08 -9.34 30.29
N GLY A 82 -7.47 -9.65 29.05
CA GLY A 82 -7.35 -8.71 27.95
C GLY A 82 -8.46 -7.67 27.98
N ASN A 83 -8.42 -6.75 27.01
CA ASN A 83 -9.29 -5.57 26.99
C ASN A 83 -10.22 -5.58 25.79
N CYS A 84 -11.54 -5.54 26.07
CA CYS A 84 -12.55 -5.54 25.01
C CYS A 84 -12.30 -4.44 23.99
N TRP A 85 -11.89 -3.23 24.44
CA TRP A 85 -11.69 -2.13 23.51
C TRP A 85 -10.64 -2.48 22.46
N PHE A 86 -9.62 -3.26 22.83
CA PHE A 86 -8.59 -3.62 21.86
C PHE A 86 -9.15 -4.60 20.84
N VAL A 87 -10.10 -5.44 21.25
CA VAL A 87 -10.75 -6.34 20.31
C VAL A 87 -11.56 -5.54 19.29
N ALA A 88 -12.36 -4.59 19.78
CA ALA A 88 -13.03 -3.66 18.90
C ALA A 88 -12.07 -3.03 17.90
N ALA A 89 -10.97 -2.45 18.40
CA ALA A 89 -10.03 -1.76 17.51
C ALA A 89 -9.41 -2.70 16.48
N CYS A 90 -9.09 -3.93 16.87
CA CYS A 90 -8.54 -4.86 15.89
C CYS A 90 -9.57 -5.24 14.85
N SER A 91 -10.83 -5.39 15.26
CA SER A 91 -11.90 -5.76 14.34
C SER A 91 -12.00 -4.74 13.24
N SER A 92 -12.19 -3.47 13.62
CA SER A 92 -12.18 -2.37 12.67
C SER A 92 -10.93 -2.40 11.80
N LEU A 93 -9.75 -2.43 12.43
CA LEU A 93 -8.53 -2.47 11.64
C LEU A 93 -8.56 -3.61 10.63
N ALA A 94 -9.11 -4.76 11.03
CA ALA A 94 -9.16 -5.87 10.08
C ALA A 94 -10.12 -5.62 8.92
N SER A 95 -11.07 -4.68 9.07
CA SER A 95 -12.02 -4.35 8.00
C SER A 95 -11.34 -4.16 6.68
N ARG A 96 -10.34 -3.29 6.64
CA ARG A 96 -9.86 -2.74 5.40
C ARG A 96 -8.43 -3.17 5.16
N GLU A 97 -8.24 -3.95 4.09
CA GLU A 97 -6.90 -4.38 3.72
C GLU A 97 -5.91 -3.23 3.75
N SER A 98 -6.26 -2.10 3.12
CA SER A 98 -5.33 -0.97 3.08
C SER A 98 -4.84 -0.55 4.46
N LEU A 99 -5.62 -0.78 5.51
CA LEU A 99 -5.20 -0.28 6.81
C LEU A 99 -4.40 -1.31 7.60
N TRP A 100 -4.96 -2.52 7.79
CA TRP A 100 -4.24 -3.51 8.56
C TRP A 100 -2.95 -3.91 7.87
N GLN A 101 -2.93 -3.87 6.55
CA GLN A 101 -1.67 -4.09 5.86
C GLN A 101 -0.67 -2.95 6.10
N LYS A 102 -1.10 -1.81 6.65
CA LYS A 102 -0.13 -0.77 7.03
C LYS A 102 0.47 -1.07 8.37
N VAL A 103 -0.35 -1.46 9.35
CA VAL A 103 0.14 -1.86 10.66
C VAL A 103 0.93 -3.16 10.60
N ILE A 104 0.56 -4.08 9.71
CA ILE A 104 1.27 -5.36 9.58
C ILE A 104 2.00 -5.42 8.25
N PRO A 105 3.23 -4.91 8.19
CA PRO A 105 3.92 -4.77 6.91
C PRO A 105 4.41 -6.10 6.35
N ASP A 106 4.43 -6.17 5.02
CA ASP A 106 4.95 -7.33 4.31
C ASP A 106 4.44 -8.61 4.98
N TRP A 107 3.13 -8.68 5.16
CA TRP A 107 2.58 -9.74 6.00
C TRP A 107 3.01 -11.10 5.51
N LYS A 108 3.11 -11.29 4.19
CA LYS A 108 3.53 -12.61 3.71
C LYS A 108 5.02 -12.85 3.97
N GLU A 109 5.83 -11.80 4.12
CA GLU A 109 7.23 -11.98 4.50
C GLU A 109 7.39 -12.39 5.96
N GLN A 110 6.40 -12.05 6.80
CA GLN A 110 6.40 -12.38 8.23
C GLN A 110 5.74 -13.71 8.54
N GLU A 111 4.75 -14.11 7.74
CA GLU A 111 3.93 -15.28 8.01
C GLU A 111 4.79 -16.54 8.06
N TRP A 112 4.39 -17.50 8.88
CA TRP A 112 5.10 -18.76 8.95
C TRP A 112 4.99 -19.48 7.61
N ASP A 113 6.01 -20.26 7.28
CA ASP A 113 5.95 -21.08 6.07
C ASP A 113 6.41 -22.47 6.43
N PRO A 114 5.54 -23.47 6.34
CA PRO A 114 5.97 -24.86 6.58
C PRO A 114 7.13 -25.28 5.69
N GLU A 115 7.02 -25.06 4.37
CA GLU A 115 8.21 -25.11 3.53
C GLU A 115 9.17 -23.99 3.97
N LYS A 116 10.47 -24.18 3.73
CA LYS A 116 11.54 -23.29 4.21
C LYS A 116 11.32 -22.93 5.69
N PRO A 117 11.41 -23.90 6.61
CA PRO A 117 11.12 -23.61 8.02
C PRO A 117 12.15 -22.73 8.66
N ASN A 118 13.38 -22.77 8.19
CA ASN A 118 14.47 -21.91 8.62
C ASN A 118 14.31 -20.48 8.19
N ALA A 119 13.17 -20.14 7.60
CA ALA A 119 12.74 -18.75 7.54
C ALA A 119 12.48 -18.20 8.93
N TYR A 120 11.79 -18.98 9.76
CA TYR A 120 11.33 -18.52 11.07
C TYR A 120 12.47 -18.03 11.96
N ALA A 121 12.19 -16.98 12.72
CA ALA A 121 13.19 -16.45 13.64
C ALA A 121 12.60 -15.81 14.89
N GLY A 122 11.38 -16.17 15.28
CA GLY A 122 10.79 -15.67 16.53
C GLY A 122 10.67 -14.16 16.65
N ILE A 123 10.60 -13.45 15.52
CA ILE A 123 10.65 -11.99 15.49
C ILE A 123 9.57 -11.45 14.57
N PHE A 124 8.96 -10.33 14.96
CA PHE A 124 7.93 -9.67 14.16
C PHE A 124 8.04 -8.16 14.29
N HIS A 125 7.45 -7.43 13.34
CA HIS A 125 7.50 -5.97 13.38
C HIS A 125 6.21 -5.39 12.83
N PHE A 126 5.79 -4.27 13.43
CA PHE A 126 4.54 -3.60 13.12
C PHE A 126 4.78 -2.10 13.05
N HIS A 127 3.87 -1.38 12.44
CA HIS A 127 3.97 0.08 12.37
C HIS A 127 2.89 0.72 13.21
N PHE A 128 3.21 1.82 13.88
CA PHE A 128 2.18 2.58 14.59
C PHE A 128 2.40 4.05 14.34
N TRP A 129 1.37 4.82 14.57
CA TRP A 129 1.42 6.25 14.35
C TRP A 129 1.55 6.93 15.69
N ARG A 130 2.74 7.41 16.00
CA ARG A 130 2.92 8.16 17.21
C ARG A 130 3.57 9.49 16.85
N PHE A 131 3.03 10.55 17.45
CA PHE A 131 3.60 11.91 17.33
C PHE A 131 4.01 12.19 15.89
N GLY A 132 3.02 12.07 14.99
CA GLY A 132 3.18 12.45 13.61
C GLY A 132 4.10 11.61 12.75
N GLU A 133 4.45 10.40 13.18
CA GLU A 133 5.28 9.57 12.31
C GLU A 133 5.00 8.10 12.53
N TRP A 134 5.35 7.32 11.52
CA TRP A 134 5.25 5.88 11.59
C TRP A 134 6.47 5.29 12.30
N VAL A 135 6.25 4.66 13.46
CA VAL A 135 7.33 4.01 14.18
C VAL A 135 7.24 2.51 13.92
N ASP A 136 8.40 1.84 13.87
CA ASP A 136 8.50 0.40 13.60
C ASP A 136 8.83 -0.29 14.93
N VAL A 137 7.85 -1.02 15.48
CA VAL A 137 7.99 -1.65 16.79
C VAL A 137 8.41 -3.09 16.59
N VAL A 138 9.55 -3.46 17.15
CA VAL A 138 10.06 -4.82 17.02
C VAL A 138 9.73 -5.60 18.27
N ILE A 139 9.31 -6.87 18.09
CA ILE A 139 9.08 -7.76 19.20
C ILE A 139 9.44 -9.19 18.79
N ASP A 140 9.73 -9.99 19.81
CA ASP A 140 9.74 -11.45 19.77
C ASP A 140 8.33 -12.00 19.93
N ASP A 141 8.12 -13.23 19.49
CA ASP A 141 6.75 -13.76 19.45
C ASP A 141 6.35 -14.58 20.68
N ARG A 142 7.02 -14.41 21.82
CA ARG A 142 6.64 -15.14 23.02
C ARG A 142 5.45 -14.46 23.68
N LEU A 143 4.46 -15.25 24.10
CA LEU A 143 3.23 -14.68 24.60
C LEU A 143 2.85 -15.27 25.96
N PRO A 144 2.13 -14.49 26.78
CA PRO A 144 1.60 -15.00 28.06
C PRO A 144 0.66 -16.18 27.87
N THR A 145 0.79 -17.16 28.76
CA THR A 145 0.05 -18.43 28.75
C THR A 145 -0.32 -18.82 30.18
N VAL A 146 -1.46 -19.49 30.34
CA VAL A 146 -1.73 -20.13 31.63
C VAL A 146 -1.93 -21.64 31.44
N ASN A 147 -3.04 -22.06 30.88
CA ASN A 147 -3.15 -23.50 30.69
C ASN A 147 -2.99 -23.78 29.20
N ASN A 148 -1.80 -23.47 28.70
CA ASN A 148 -1.48 -23.46 27.29
C ASN A 148 -2.52 -22.65 26.50
N GLN A 149 -3.01 -21.56 27.10
CA GLN A 149 -4.02 -20.70 26.49
C GLN A 149 -3.67 -19.24 26.66
N LEU A 150 -3.75 -18.49 25.56
CA LEU A 150 -3.49 -17.06 25.61
C LEU A 150 -4.51 -16.41 26.55
N ILE A 151 -4.03 -15.52 27.42
CA ILE A 151 -4.93 -14.88 28.39
C ILE A 151 -5.27 -13.44 28.02
N TYR A 152 -4.57 -12.86 27.07
CA TYR A 152 -4.96 -11.61 26.46
C TYR A 152 -5.54 -11.92 25.06
N CYS A 153 -5.59 -10.92 24.19
CA CYS A 153 -6.33 -11.05 22.96
C CYS A 153 -5.77 -12.16 22.09
N HIS A 154 -6.69 -12.87 21.45
CA HIS A 154 -6.44 -14.02 20.58
C HIS A 154 -7.67 -14.20 19.69
N SER A 155 -7.63 -15.20 18.84
CA SER A 155 -8.77 -15.47 17.99
C SER A 155 -9.36 -16.83 18.35
N ASN A 156 -10.48 -17.15 17.70
CA ASN A 156 -11.19 -18.41 17.90
C ASN A 156 -10.36 -19.59 17.42
N SER A 157 -9.52 -19.38 16.43
CA SER A 157 -8.66 -20.41 15.88
C SER A 157 -7.38 -20.46 16.71
N ARG A 158 -7.16 -21.54 17.48
CA ARG A 158 -6.07 -21.51 18.47
C ARG A 158 -4.68 -21.56 17.86
N ASN A 159 -4.53 -21.58 16.56
CA ASN A 159 -3.22 -21.39 15.94
C ASN A 159 -3.16 -20.10 15.13
N GLU A 160 -4.00 -19.11 15.46
CA GLU A 160 -3.99 -17.79 14.84
C GLU A 160 -3.44 -16.74 15.82
N PHE A 161 -2.49 -15.93 15.35
CA PHE A 161 -1.73 -15.08 16.23
C PHE A 161 -1.68 -13.60 15.90
N TRP A 162 -2.17 -13.17 14.74
CA TRP A 162 -1.99 -11.77 14.38
C TRP A 162 -2.54 -10.85 15.45
N CYS A 163 -3.75 -11.12 15.95
CA CYS A 163 -4.29 -10.25 16.99
C CYS A 163 -3.37 -10.25 18.22
N ALA A 164 -2.86 -11.42 18.59
CA ALA A 164 -2.06 -11.52 19.79
C ALA A 164 -0.77 -10.73 19.67
N LEU A 165 -0.09 -10.88 18.53
CA LEU A 165 1.18 -10.21 18.33
C LEU A 165 0.97 -8.71 18.18
N VAL A 166 0.00 -8.30 17.38
CA VAL A 166 -0.29 -6.87 17.32
C VAL A 166 -0.50 -6.33 18.72
N GLU A 167 -1.15 -7.11 19.58
CA GLU A 167 -1.36 -6.65 20.95
C GLU A 167 -0.04 -6.50 21.69
N LYS A 168 0.81 -7.53 21.65
CA LYS A 168 2.08 -7.48 22.36
C LYS A 168 2.86 -6.23 21.98
N ALA A 169 2.95 -5.96 20.67
CA ALA A 169 3.59 -4.74 20.19
C ALA A 169 2.88 -3.50 20.73
N TYR A 170 1.57 -3.48 20.70
CA TYR A 170 0.89 -2.32 21.22
C TYR A 170 1.20 -2.14 22.69
N ALA A 171 1.30 -3.24 23.43
CA ALA A 171 1.64 -3.16 24.84
C ALA A 171 3.07 -2.68 25.03
N LYS A 172 3.98 -3.08 24.15
CA LYS A 172 5.34 -2.57 24.22
C LYS A 172 5.34 -1.04 24.16
N LEU A 173 4.57 -0.49 23.23
CA LEU A 173 4.45 0.95 23.10
C LEU A 173 3.85 1.59 24.34
N ALA A 174 2.95 0.90 25.02
CA ALA A 174 2.37 1.48 26.22
C ALA A 174 3.29 1.33 27.42
N GLY A 175 4.21 0.36 27.37
CA GLY A 175 5.13 0.05 28.45
C GLY A 175 5.00 -1.38 28.94
N CYS A 176 3.76 -1.79 29.25
CA CYS A 176 3.45 -3.14 29.70
C CYS A 176 1.98 -3.44 29.41
N TYR A 177 1.65 -4.73 29.41
CA TYR A 177 0.28 -5.15 29.17
C TYR A 177 -0.72 -4.37 30.01
N GLN A 178 -0.49 -4.31 31.31
CA GLN A 178 -1.48 -3.72 32.21
C GLN A 178 -1.79 -2.28 31.84
N ALA A 179 -0.89 -1.60 31.17
CA ALA A 179 -1.15 -0.23 30.72
C ALA A 179 -2.36 -0.19 29.77
N LEU A 180 -2.47 -1.16 28.87
CA LEU A 180 -3.57 -1.15 27.92
C LEU A 180 -4.95 -1.06 28.59
N ASP A 181 -5.07 -1.32 29.89
CA ASP A 181 -6.35 -1.10 30.53
C ASP A 181 -6.76 0.37 30.47
N GLY A 182 -5.80 1.28 30.31
CA GLY A 182 -6.12 2.70 30.22
C GLY A 182 -6.50 3.18 28.85
N GLY A 183 -6.14 2.47 27.79
CA GLY A 183 -6.43 2.84 26.42
C GLY A 183 -7.92 2.75 26.07
N ASN A 184 -8.20 2.97 24.80
CA ASN A 184 -9.57 3.02 24.30
C ASN A 184 -9.58 2.85 22.78
N THR A 185 -10.75 2.50 22.25
CA THR A 185 -10.82 2.20 20.82
C THR A 185 -10.49 3.44 19.97
N ALA A 186 -10.98 4.61 20.35
CA ALA A 186 -10.70 5.82 19.56
C ALA A 186 -9.20 6.03 19.34
N ASP A 187 -8.44 6.21 20.43
CA ASP A 187 -7.01 6.44 20.30
C ASP A 187 -6.32 5.32 19.57
N ALA A 188 -6.80 4.07 19.74
CA ALA A 188 -6.14 2.96 19.08
C ALA A 188 -6.26 3.08 17.58
N LEU A 189 -7.39 3.57 17.10
CA LEU A 189 -7.59 3.68 15.66
C LEU A 189 -6.66 4.73 15.07
N VAL A 190 -6.47 5.84 15.80
CA VAL A 190 -5.50 6.86 15.40
C VAL A 190 -4.10 6.27 15.37
N ASP A 191 -3.71 5.55 16.41
CA ASP A 191 -2.39 4.94 16.44
C ASP A 191 -2.17 3.95 15.30
N PHE A 192 -3.27 3.38 14.77
CA PHE A 192 -3.31 2.34 13.74
C PHE A 192 -3.40 2.89 12.33
N THR A 193 -4.13 3.99 12.12
CA THR A 193 -4.38 4.49 10.76
C THR A 193 -3.67 5.79 10.43
N GLY A 194 -3.19 6.52 11.43
CA GLY A 194 -2.63 7.84 11.28
C GLY A 194 -3.64 8.96 11.18
N GLY A 195 -4.92 8.68 11.36
CA GLY A 195 -5.98 9.64 11.12
C GLY A 195 -6.33 10.48 12.33
N VAL A 196 -7.59 10.90 12.39
CA VAL A 196 -8.12 11.67 13.51
C VAL A 196 -9.40 11.01 13.98
N SER A 197 -9.53 10.87 15.30
CA SER A 197 -10.72 10.25 15.89
C SER A 197 -11.68 11.31 16.38
N GLU A 198 -12.97 10.98 16.28
CA GLU A 198 -13.98 11.82 16.90
C GLU A 198 -15.03 10.93 17.53
N PRO A 199 -15.25 11.03 18.82
CA PRO A 199 -16.36 10.31 19.44
C PRO A 199 -17.66 11.10 19.39
N ILE A 200 -18.74 10.35 19.45
CA ILE A 200 -20.08 10.92 19.53
C ILE A 200 -20.81 10.15 20.62
N ASP A 201 -21.33 10.86 21.61
CA ASP A 201 -22.08 10.24 22.71
C ASP A 201 -23.56 10.38 22.38
N LEU A 202 -24.22 9.25 22.14
CA LEU A 202 -25.61 9.26 21.68
C LEU A 202 -26.56 9.65 22.81
N THR A 203 -26.29 9.17 24.02
CA THR A 203 -27.16 9.48 25.13
C THR A 203 -26.91 10.89 25.68
N GLU A 204 -25.74 11.46 25.39
CA GLU A 204 -25.52 12.87 25.63
C GLU A 204 -26.01 13.75 24.49
N GLY A 205 -26.40 13.15 23.38
CA GLY A 205 -26.87 13.91 22.24
C GLY A 205 -28.36 13.76 21.99
N ASP A 206 -28.93 12.67 22.50
CA ASP A 206 -30.37 12.41 22.43
C ASP A 206 -30.80 12.24 20.96
N PHE A 207 -29.92 11.62 20.17
CA PHE A 207 -30.19 11.41 18.74
C PHE A 207 -31.41 10.53 18.53
N ALA A 208 -31.65 9.58 19.43
CA ALA A 208 -32.83 8.74 19.33
C ALA A 208 -34.10 9.58 19.38
N ASN A 209 -34.05 10.70 20.10
CA ASN A 209 -35.18 11.60 20.30
C ASN A 209 -35.05 12.90 19.52
N ASP A 210 -34.51 12.87 18.29
CA ASP A 210 -34.41 14.12 17.52
C ASP A 210 -34.80 14.01 16.06
N GLU A 211 -34.17 13.08 15.34
CA GLU A 211 -34.36 12.84 13.91
C GLU A 211 -33.61 13.83 13.03
N THR A 212 -33.70 15.12 13.31
CA THR A 212 -33.04 16.07 12.42
C THR A 212 -31.53 16.06 12.64
N LYS A 213 -31.11 16.05 13.90
CA LYS A 213 -29.69 15.88 14.20
C LYS A 213 -29.25 14.47 13.82
N ARG A 214 -30.12 13.50 14.05
CA ARG A 214 -29.82 12.12 13.67
C ARG A 214 -29.54 12.02 12.19
N ASN A 215 -30.30 12.76 11.38
CA ASN A 215 -29.98 12.82 9.96
C ASN A 215 -28.64 13.50 9.75
N GLN A 216 -28.42 14.64 10.42
CA GLN A 216 -27.11 15.31 10.40
C GLN A 216 -25.98 14.33 10.65
N LEU A 217 -26.05 13.64 11.78
CA LEU A 217 -25.02 12.66 12.12
C LEU A 217 -24.88 11.62 11.04
N PHE A 218 -26.00 11.07 10.58
CA PHE A 218 -25.93 10.03 9.57
C PHE A 218 -25.17 10.51 8.34
N GLU A 219 -25.50 11.71 7.83
CA GLU A 219 -24.84 12.17 6.61
C GLU A 219 -23.32 12.23 6.80
N ARG A 220 -22.87 12.72 7.96
CA ARG A 220 -21.44 12.74 8.29
C ARG A 220 -20.84 11.33 8.23
N MET A 221 -21.54 10.35 8.79
CA MET A 221 -21.04 8.97 8.77
C MET A 221 -21.01 8.41 7.36
N LEU A 222 -22.04 8.70 6.56
CA LEU A 222 -21.98 8.37 5.14
C LEU A 222 -20.71 8.94 4.54
N LYS A 223 -20.39 10.20 4.90
CA LYS A 223 -19.18 10.85 4.39
C LYS A 223 -17.92 10.14 4.85
N VAL A 224 -17.80 9.86 6.15
CA VAL A 224 -16.57 9.26 6.66
C VAL A 224 -16.35 7.89 6.03
N HIS A 225 -17.37 7.04 6.08
CA HIS A 225 -17.23 5.68 5.56
C HIS A 225 -16.97 5.69 4.06
N SER A 226 -17.70 6.52 3.32
CA SER A 226 -17.45 6.59 1.89
C SER A 226 -16.04 7.06 1.57
N ARG A 227 -15.40 7.82 2.48
CA ARG A 227 -14.02 8.25 2.30
C ARG A 227 -12.99 7.27 2.85
N GLY A 228 -13.42 6.09 3.31
CA GLY A 228 -12.49 5.09 3.80
C GLY A 228 -12.11 5.25 5.26
N GLY A 229 -12.87 6.05 6.02
CA GLY A 229 -12.68 6.16 7.44
C GLY A 229 -13.13 4.89 8.12
N LEU A 230 -13.03 4.87 9.44
CA LEU A 230 -13.49 3.74 10.23
C LEU A 230 -14.52 4.24 11.20
N ILE A 231 -15.55 3.43 11.45
CA ILE A 231 -16.53 3.71 12.46
C ILE A 231 -16.72 2.45 13.29
N SER A 232 -16.96 2.64 14.57
CA SER A 232 -17.22 1.57 15.51
C SER A 232 -18.32 2.09 16.42
N ALA A 233 -19.22 1.20 16.85
CA ALA A 233 -20.33 1.60 17.72
C ALA A 233 -20.28 0.73 18.96
N SER A 234 -20.36 1.36 20.12
CA SER A 234 -20.18 0.66 21.38
C SER A 234 -21.39 0.91 22.28
N ILE A 235 -21.52 0.05 23.29
CA ILE A 235 -22.51 0.20 24.33
C ILE A 235 -21.77 0.43 25.65
N LYS A 236 -21.99 1.57 26.29
CA LYS A 236 -21.22 1.94 27.48
C LYS A 236 -21.55 1.02 28.65
N ALA A 237 -20.59 0.19 29.05
CA ALA A 237 -20.70 -0.55 30.31
C ALA A 237 -20.28 0.37 31.46
N VAL A 238 -21.26 0.85 32.24
CA VAL A 238 -20.97 1.89 33.23
C VAL A 238 -20.41 1.28 34.50
N THR A 239 -21.18 0.40 35.14
CA THR A 239 -20.73 -0.31 36.32
C THR A 239 -19.91 -1.54 35.93
N ALA A 240 -19.26 -2.13 36.91
CA ALA A 240 -18.59 -3.41 36.66
C ALA A 240 -19.62 -4.51 36.39
N ALA A 241 -20.75 -4.48 37.08
CA ALA A 241 -21.83 -5.43 36.82
C ALA A 241 -22.34 -5.33 35.39
N ASP A 242 -22.12 -4.19 34.72
CA ASP A 242 -22.55 -4.02 33.34
C ASP A 242 -21.66 -4.78 32.36
N MET A 243 -20.38 -4.93 32.66
CA MET A 243 -19.44 -5.53 31.73
C MET A 243 -20.00 -6.81 31.13
N GLU A 244 -20.05 -6.85 29.81
CA GLU A 244 -20.49 -8.02 29.03
C GLU A 244 -21.86 -8.54 29.42
N ALA A 245 -22.77 -7.64 29.75
CA ALA A 245 -24.15 -8.02 29.97
C ALA A 245 -24.85 -8.01 28.63
N ARG A 246 -25.65 -9.04 28.39
CA ARG A 246 -26.45 -9.15 27.19
C ARG A 246 -27.68 -8.27 27.34
N LEU A 247 -27.97 -7.48 26.33
CA LEU A 247 -29.24 -6.75 26.27
C LEU A 247 -30.36 -7.65 25.72
N ALA A 248 -31.60 -7.21 25.94
CA ALA A 248 -32.76 -7.96 25.43
C ALA A 248 -32.69 -8.15 23.93
N CYS A 249 -32.25 -7.14 23.20
CA CYS A 249 -32.10 -7.21 21.76
C CYS A 249 -30.86 -7.95 21.33
N GLY A 250 -30.01 -8.36 22.27
CA GLY A 250 -28.93 -9.29 21.99
C GLY A 250 -27.54 -8.69 21.98
N LEU A 251 -27.43 -7.37 21.86
CA LEU A 251 -26.14 -6.73 21.90
C LEU A 251 -25.56 -6.75 23.30
N VAL A 252 -24.25 -6.55 23.40
CA VAL A 252 -23.49 -6.77 24.62
C VAL A 252 -22.98 -5.44 25.13
N LYS A 253 -23.36 -5.08 26.35
CA LYS A 253 -22.76 -3.92 27.03
C LYS A 253 -21.26 -4.15 27.18
N GLY A 254 -20.46 -3.13 26.86
CA GLY A 254 -19.02 -3.23 26.97
C GLY A 254 -18.31 -3.72 25.73
N HIS A 255 -19.04 -4.02 24.67
CA HIS A 255 -18.47 -4.39 23.38
C HIS A 255 -18.65 -3.26 22.38
N ALA A 256 -17.87 -3.30 21.32
CA ALA A 256 -17.99 -2.33 20.26
C ALA A 256 -18.03 -3.07 18.94
N TYR A 257 -18.80 -2.54 18.01
CA TYR A 257 -19.16 -3.22 16.79
C TYR A 257 -18.64 -2.40 15.63
N ALA A 258 -17.98 -3.06 14.70
CA ALA A 258 -17.33 -2.35 13.62
C ALA A 258 -18.36 -2.12 12.51
N VAL A 259 -18.55 -0.86 12.14
CA VAL A 259 -19.41 -0.52 11.02
C VAL A 259 -18.73 -0.94 9.72
N THR A 260 -19.39 -1.78 8.94
CA THR A 260 -18.85 -2.22 7.64
C THR A 260 -19.62 -1.71 6.45
N ASP A 261 -20.70 -0.99 6.68
CA ASP A 261 -21.37 -0.29 5.59
C ASP A 261 -22.32 0.71 6.20
N VAL A 262 -22.50 1.83 5.53
CA VAL A 262 -23.46 2.87 5.91
C VAL A 262 -24.09 3.32 4.60
N ARG A 263 -25.42 3.34 4.53
CA ARG A 263 -26.07 3.35 3.22
C ARG A 263 -27.52 3.79 3.29
N LYS A 264 -27.91 4.71 2.40
CA LYS A 264 -29.31 5.00 2.13
C LYS A 264 -29.83 3.94 1.15
N VAL A 265 -30.81 3.14 1.54
CA VAL A 265 -31.37 2.16 0.62
C VAL A 265 -32.72 2.65 0.12
N ARG A 266 -32.97 2.47 -1.19
CA ARG A 266 -34.28 2.73 -1.80
C ARG A 266 -35.00 1.39 -1.99
N LEU A 267 -36.20 1.30 -1.43
CA LEU A 267 -37.03 0.11 -1.54
C LEU A 267 -37.98 0.19 -2.74
N GLY A 268 -38.17 -0.94 -3.41
CA GLY A 268 -39.01 -0.96 -4.61
C GLY A 268 -40.50 -0.85 -4.31
N HIS A 269 -41.22 -0.23 -5.25
CA HIS A 269 -42.67 -0.08 -5.11
C HIS A 269 -43.30 -1.43 -4.80
N GLY A 270 -44.34 -1.42 -3.97
CA GLY A 270 -44.94 -2.62 -3.48
C GLY A 270 -44.50 -2.98 -2.08
N LEU A 271 -43.29 -2.57 -1.70
CA LEU A 271 -42.89 -2.70 -0.31
C LEU A 271 -43.46 -1.57 0.53
N LEU A 272 -43.82 -0.45 -0.11
CA LEU A 272 -44.32 0.71 0.61
C LEU A 272 -45.52 0.36 1.47
N ALA A 273 -46.24 -0.70 1.11
CA ALA A 273 -47.38 -1.14 1.91
C ALA A 273 -46.95 -1.51 3.33
N PHE A 274 -45.87 -2.28 3.46
CA PHE A 274 -45.43 -2.77 4.76
C PHE A 274 -44.51 -1.81 5.51
N PHE A 275 -43.61 -1.14 4.78
CA PHE A 275 -42.56 -0.36 5.44
C PHE A 275 -42.93 1.09 5.67
N LYS A 276 -43.85 1.64 4.88
CA LYS A 276 -44.26 3.04 4.98
C LYS A 276 -43.06 3.98 4.83
N SER A 277 -42.19 3.69 3.86
CA SER A 277 -41.12 4.60 3.50
C SER A 277 -40.45 4.09 2.22
N GLU A 278 -39.93 5.02 1.43
CA GLU A 278 -39.19 4.69 0.22
C GLU A 278 -37.68 4.59 0.43
N LYS A 279 -37.11 5.38 1.34
CA LYS A 279 -35.67 5.43 1.63
C LYS A 279 -35.42 5.14 3.11
N LEU A 280 -34.36 4.38 3.38
CA LEU A 280 -33.98 4.05 4.74
C LEU A 280 -32.51 4.35 4.98
N ASP A 281 -32.24 4.89 6.16
CA ASP A 281 -30.87 5.09 6.64
C ASP A 281 -30.46 3.81 7.37
N MET A 282 -29.48 3.08 6.80
CA MET A 282 -29.09 1.75 7.27
C MET A 282 -27.61 1.69 7.67
N ILE A 283 -27.31 0.82 8.64
CA ILE A 283 -25.93 0.52 9.02
C ILE A 283 -25.74 -0.99 9.00
N ARG A 284 -24.58 -1.43 8.53
CA ARG A 284 -24.12 -2.82 8.69
C ARG A 284 -22.94 -2.86 9.66
N LEU A 285 -23.04 -3.72 10.68
CA LEU A 285 -21.99 -3.85 11.67
C LEU A 285 -21.47 -5.28 11.70
N ARG A 286 -20.27 -5.47 12.26
CA ARG A 286 -19.72 -6.79 12.51
C ARG A 286 -19.57 -6.99 14.01
N ASN A 287 -19.97 -8.16 14.51
CA ASN A 287 -19.59 -8.49 15.86
C ASN A 287 -18.20 -9.11 15.87
N PRO A 288 -17.19 -8.44 16.45
CA PRO A 288 -15.83 -8.98 16.41
C PRO A 288 -15.69 -10.31 17.12
N TRP A 289 -16.56 -10.58 18.10
CA TRP A 289 -16.53 -11.79 18.94
C TRP A 289 -17.20 -13.03 18.32
N GLY A 290 -17.77 -12.96 17.11
CA GLY A 290 -18.35 -14.13 16.47
C GLY A 290 -19.67 -13.93 15.75
N GLU A 291 -20.59 -14.89 15.87
CA GLU A 291 -21.87 -14.79 15.15
C GLU A 291 -22.69 -13.61 15.67
N ARG A 292 -23.40 -12.94 14.76
CA ARG A 292 -24.16 -11.77 15.14
C ARG A 292 -25.17 -12.12 16.22
N GLU A 293 -25.62 -11.08 16.95
CA GLU A 293 -26.53 -11.23 18.06
C GLU A 293 -27.84 -10.47 17.91
N TRP A 294 -27.90 -9.49 17.04
CA TRP A 294 -29.02 -8.57 16.92
C TRP A 294 -30.34 -9.26 16.59
N ASN A 295 -31.39 -8.93 17.37
CA ASN A 295 -32.73 -9.54 17.36
C ASN A 295 -33.75 -8.77 16.56
N GLY A 296 -33.59 -7.46 16.50
CA GLY A 296 -34.61 -6.56 16.06
C GLY A 296 -34.74 -6.44 14.56
N PRO A 297 -35.40 -5.36 14.17
CA PRO A 297 -35.63 -5.11 12.76
C PRO A 297 -34.34 -5.19 11.97
N TRP A 298 -34.36 -6.02 10.93
CA TRP A 298 -33.36 -6.27 9.93
C TRP A 298 -32.36 -7.31 10.37
N SER A 299 -32.51 -7.86 11.56
CA SER A 299 -31.88 -9.15 11.79
C SER A 299 -32.38 -10.12 10.74
N ASP A 300 -31.53 -11.07 10.37
CA ASP A 300 -31.97 -11.99 9.35
C ASP A 300 -33.09 -12.90 9.83
N THR A 301 -33.46 -12.86 11.11
CA THR A 301 -34.64 -13.56 11.58
C THR A 301 -35.82 -12.64 11.80
N SER A 302 -35.77 -11.40 11.34
CA SER A 302 -36.83 -10.43 11.60
C SER A 302 -37.90 -10.45 10.51
N GLU A 303 -39.09 -9.99 10.87
CA GLU A 303 -40.14 -9.84 9.86
C GLU A 303 -39.67 -8.95 8.72
N GLU A 304 -38.90 -7.92 9.02
CA GLU A 304 -38.44 -6.99 7.99
C GLU A 304 -37.58 -7.69 6.95
N TRP A 305 -36.62 -8.50 7.42
CA TRP A 305 -35.73 -9.23 6.51
C TRP A 305 -36.50 -10.19 5.62
N GLN A 306 -37.49 -10.87 6.19
CA GLN A 306 -38.30 -11.87 5.52
C GLN A 306 -39.30 -11.26 4.55
N LYS A 307 -39.61 -9.97 4.69
CA LYS A 307 -40.50 -9.33 3.73
C LYS A 307 -39.80 -8.89 2.46
N VAL A 308 -38.49 -9.13 2.33
CA VAL A 308 -37.70 -8.62 1.22
C VAL A 308 -36.95 -9.78 0.58
N SER A 309 -37.24 -10.05 -0.69
CA SER A 309 -36.60 -11.15 -1.39
C SER A 309 -35.09 -10.97 -1.43
N LYS A 310 -34.37 -12.09 -1.49
CA LYS A 310 -32.92 -12.05 -1.65
C LYS A 310 -32.54 -11.26 -2.88
N SER A 311 -33.27 -11.48 -3.98
CA SER A 311 -33.07 -10.71 -5.20
C SER A 311 -33.06 -9.22 -4.92
N GLU A 312 -33.99 -8.77 -4.09
CA GLU A 312 -34.13 -7.33 -3.89
C GLU A 312 -33.13 -6.81 -2.86
N ARG A 313 -32.86 -7.58 -1.81
CA ARG A 313 -31.77 -7.22 -0.91
C ARG A 313 -30.49 -7.07 -1.70
N GLU A 314 -30.25 -7.97 -2.65
CA GLU A 314 -29.06 -7.84 -3.46
C GLU A 314 -29.09 -6.55 -4.27
N LYS A 315 -30.22 -6.22 -4.88
CA LYS A 315 -30.31 -4.98 -5.64
C LYS A 315 -30.08 -3.78 -4.75
N MET A 316 -30.61 -3.81 -3.53
CA MET A 316 -30.48 -2.68 -2.61
C MET A 316 -29.10 -2.60 -1.99
N GLY A 317 -28.35 -3.70 -2.00
CA GLY A 317 -27.07 -3.77 -1.33
C GLY A 317 -27.12 -4.13 0.14
N VAL A 318 -28.26 -4.63 0.64
CA VAL A 318 -28.31 -5.08 2.02
C VAL A 318 -27.90 -6.53 2.04
N THR A 319 -26.62 -6.77 1.87
CA THR A 319 -26.01 -8.09 1.94
C THR A 319 -24.99 -8.17 3.09
N VAL A 320 -24.42 -9.36 3.28
CA VAL A 320 -23.44 -9.63 4.33
C VAL A 320 -22.37 -10.60 3.83
N GLN A 321 -21.15 -10.52 4.42
CA GLN A 321 -20.15 -11.51 4.04
C GLN A 321 -20.31 -12.81 4.83
N ASP A 322 -20.86 -12.77 6.05
CA ASP A 322 -21.00 -13.97 6.87
C ASP A 322 -21.87 -13.63 8.07
N ASP A 323 -22.13 -14.65 8.89
CA ASP A 323 -22.98 -14.50 10.06
C ASP A 323 -22.42 -13.55 11.12
N GLY A 324 -21.18 -13.08 10.95
CA GLY A 324 -20.64 -12.05 11.83
C GLY A 324 -21.27 -10.67 11.61
N GLU A 325 -21.79 -10.42 10.41
CA GLU A 325 -22.35 -9.11 10.07
C GLU A 325 -23.87 -9.10 10.28
N PHE A 326 -24.42 -7.90 10.34
CA PHE A 326 -25.83 -7.74 10.61
C PHE A 326 -26.21 -6.29 10.33
N TRP A 327 -27.46 -6.09 9.93
CA TRP A 327 -27.97 -4.78 9.52
C TRP A 327 -28.90 -4.24 10.58
N MET A 328 -28.84 -2.93 10.79
CA MET A 328 -29.78 -2.23 11.67
C MET A 328 -30.11 -0.92 11.00
N THR A 329 -31.32 -0.44 11.25
CA THR A 329 -31.62 0.92 10.84
C THR A 329 -30.88 1.87 11.76
N PHE A 330 -30.46 3.00 11.20
CA PHE A 330 -29.77 3.99 12.03
C PHE A 330 -30.65 4.46 13.19
N GLU A 331 -31.98 4.42 13.03
CA GLU A 331 -32.82 4.74 14.17
C GLU A 331 -32.56 3.76 15.31
N ASP A 332 -32.42 2.48 15.00
CA ASP A 332 -32.15 1.51 16.06
C ASP A 332 -30.74 1.69 16.62
N VAL A 333 -29.78 2.06 15.76
CA VAL A 333 -28.41 2.29 16.22
C VAL A 333 -28.41 3.34 17.32
N CYS A 334 -29.10 4.44 17.08
CA CYS A 334 -29.21 5.50 18.07
C CYS A 334 -30.07 5.08 19.26
N ARG A 335 -30.98 4.14 19.05
CA ARG A 335 -31.82 3.71 20.16
C ARG A 335 -31.05 2.81 21.13
N TYR A 336 -30.06 2.06 20.66
CA TYR A 336 -29.43 1.02 21.47
C TYR A 336 -27.94 1.23 21.73
N PHE A 337 -27.22 1.89 20.86
CA PHE A 337 -25.81 2.13 21.17
C PHE A 337 -25.67 3.41 22.01
N THR A 338 -24.53 3.51 22.71
CA THR A 338 -24.21 4.64 23.57
C THR A 338 -23.20 5.59 22.95
N ASP A 339 -22.23 5.08 22.18
CA ASP A 339 -21.22 5.92 21.57
C ASP A 339 -20.84 5.41 20.20
N ILE A 340 -20.47 6.33 19.32
CA ILE A 340 -19.85 6.00 18.05
C ILE A 340 -18.46 6.61 18.04
N ILE A 341 -17.48 5.84 17.62
CA ILE A 341 -16.16 6.36 17.32
C ILE A 341 -16.07 6.57 15.81
N LYS A 342 -15.55 7.72 15.39
CA LYS A 342 -15.54 8.14 13.99
C LYS A 342 -14.12 8.52 13.67
N CYS A 343 -13.37 7.63 13.03
CA CYS A 343 -11.95 7.85 12.77
C CYS A 343 -11.74 8.14 11.29
N ARG A 344 -11.64 9.42 10.97
CA ARG A 344 -11.37 9.86 9.61
C ARG A 344 -9.98 9.42 9.24
N VAL A 345 -9.85 8.78 8.11
CA VAL A 345 -8.51 8.42 7.65
C VAL A 345 -7.90 9.63 6.98
N ILE A 346 -6.58 9.77 7.10
CA ILE A 346 -5.84 10.82 6.42
C ILE A 346 -4.84 10.20 5.46
N LEU A 347 -5.05 10.47 4.16
CA LEU A 347 -4.34 9.73 3.12
C LEU A 347 -2.89 10.15 3.02
N GLU A 348 -2.61 11.42 3.27
CA GLU A 348 -1.24 11.89 3.27
C GLU A 348 -0.38 11.05 4.20
N ASN A 349 -0.92 10.67 5.37
CA ASN A 349 -0.14 9.90 6.33
C ASN A 349 0.14 8.46 5.86
N LEU A 350 -0.69 7.91 4.96
CA LEU A 350 -0.43 6.57 4.45
C LEU A 350 0.65 6.57 3.36
N TYR A 351 0.54 7.47 2.39
CA TYR A 351 1.44 7.52 1.25
C TYR A 351 2.90 7.86 1.61
N PHE A 352 3.14 8.45 2.77
CA PHE A 352 4.52 8.66 3.19
C PHE A 352 4.91 7.85 4.44
N VAL B 8 -10.30 -4.83 -7.30
CA VAL B 8 -9.82 -4.35 -8.59
C VAL B 8 -10.51 -5.01 -9.82
N LYS B 9 -10.96 -4.19 -10.78
CA LYS B 9 -11.77 -4.70 -11.92
C LYS B 9 -10.94 -5.54 -12.88
N PRO B 10 -11.29 -6.81 -13.13
CA PRO B 10 -10.44 -7.66 -13.98
C PRO B 10 -10.50 -7.23 -15.43
N TYR B 11 -9.33 -7.07 -16.06
CA TYR B 11 -9.27 -6.73 -17.48
C TYR B 11 -9.67 -7.93 -18.34
N GLU B 12 -10.77 -7.77 -19.10
CA GLU B 12 -11.22 -8.77 -20.05
C GLU B 12 -11.55 -10.10 -19.36
N ASP B 13 -12.23 -10.00 -18.20
CA ASP B 13 -12.81 -11.15 -17.51
C ASP B 13 -11.78 -12.23 -17.23
N GLN B 14 -10.57 -11.82 -16.91
CA GLN B 14 -9.50 -12.77 -16.62
C GLN B 14 -9.17 -12.70 -15.14
N ASN B 15 -9.34 -13.81 -14.45
CA ASN B 15 -9.11 -13.90 -13.01
C ASN B 15 -7.74 -14.53 -12.78
N TYR B 16 -6.77 -13.70 -12.38
CA TYR B 16 -5.42 -14.16 -12.09
C TYR B 16 -5.42 -15.38 -11.17
N SER B 17 -5.94 -15.23 -9.95
CA SER B 17 -5.70 -16.28 -8.95
C SER B 17 -6.37 -17.58 -9.36
N ALA B 18 -7.52 -17.50 -10.06
CA ALA B 18 -8.19 -18.70 -10.55
C ALA B 18 -7.39 -19.39 -11.65
N LEU B 19 -7.05 -18.65 -12.71
CA LEU B 19 -6.19 -19.21 -13.77
C LEU B 19 -4.89 -19.77 -13.19
N ARG B 20 -4.25 -19.03 -12.29
CA ARG B 20 -3.02 -19.51 -11.66
C ARG B 20 -3.23 -20.85 -10.94
N ARG B 21 -4.24 -20.92 -10.06
CA ARG B 21 -4.44 -22.15 -9.29
C ARG B 21 -4.83 -23.32 -10.20
N ASP B 22 -5.51 -23.05 -11.32
CA ASP B 22 -5.75 -24.07 -12.35
C ASP B 22 -4.44 -24.64 -12.88
N CYS B 23 -3.57 -23.77 -13.41
CA CYS B 23 -2.28 -24.20 -13.96
C CYS B 23 -1.43 -24.95 -12.93
N ARG B 24 -1.47 -24.53 -11.67
CA ARG B 24 -0.73 -25.21 -10.61
C ARG B 24 -1.26 -26.62 -10.39
N ARG B 25 -2.57 -26.75 -10.25
CA ARG B 25 -3.18 -28.07 -10.10
C ARG B 25 -2.81 -28.97 -11.27
N ARG B 26 -2.79 -28.43 -12.49
CA ARG B 26 -2.50 -29.19 -13.70
C ARG B 26 -1.02 -29.27 -14.06
N LYS B 27 -0.15 -28.54 -13.35
CA LYS B 27 1.31 -28.57 -13.56
C LYS B 27 1.67 -28.17 -15.00
N VAL B 28 1.02 -27.12 -15.49
CA VAL B 28 1.26 -26.55 -16.81
C VAL B 28 1.51 -25.07 -16.62
N LEU B 29 2.19 -24.45 -17.60
CA LEU B 29 2.49 -23.03 -17.54
C LEU B 29 1.47 -22.24 -18.33
N PHE B 30 0.96 -21.18 -17.73
CA PHE B 30 -0.14 -20.44 -18.33
C PHE B 30 0.17 -19.98 -19.76
N GLU B 31 -0.78 -20.21 -20.68
CA GLU B 31 -0.72 -19.71 -22.06
C GLU B 31 -1.94 -18.82 -22.27
N ASP B 32 -1.72 -17.53 -22.44
CA ASP B 32 -2.79 -16.52 -22.57
C ASP B 32 -3.53 -16.56 -23.90
N PRO B 33 -4.85 -16.83 -23.91
CA PRO B 33 -5.61 -16.84 -25.18
C PRO B 33 -5.92 -15.47 -25.77
N LEU B 34 -5.94 -14.40 -24.97
CA LEU B 34 -6.32 -13.11 -25.50
C LEU B 34 -5.14 -12.28 -25.95
N PHE B 35 -3.91 -12.67 -25.57
CA PHE B 35 -2.68 -12.02 -26.01
C PHE B 35 -1.65 -13.12 -26.25
N PRO B 36 -1.80 -13.87 -27.32
CA PRO B 36 -0.96 -15.06 -27.52
C PRO B 36 0.43 -14.69 -28.05
N ALA B 37 1.31 -15.68 -28.00
CA ALA B 37 2.72 -15.53 -28.31
C ALA B 37 2.99 -15.47 -29.81
N THR B 38 2.32 -14.57 -30.53
CA THR B 38 2.31 -14.63 -31.98
C THR B 38 2.49 -13.23 -32.51
N ASP B 39 2.77 -13.13 -33.81
CA ASP B 39 3.02 -11.83 -34.41
C ASP B 39 1.79 -10.91 -34.37
N ASP B 40 0.64 -11.41 -33.95
CA ASP B 40 -0.52 -10.51 -33.83
C ASP B 40 -0.47 -9.64 -32.59
N SER B 41 0.26 -10.07 -31.56
CA SER B 41 0.58 -9.28 -30.39
C SER B 41 1.72 -8.29 -30.63
N LEU B 42 2.44 -8.41 -31.75
CA LEU B 42 3.61 -7.59 -32.05
C LEU B 42 3.30 -6.42 -32.97
N TYR B 43 2.86 -6.72 -34.19
CA TYR B 43 2.75 -5.71 -35.22
C TYR B 43 1.30 -5.53 -35.60
N TYR B 44 1.03 -4.39 -36.21
CA TYR B 44 -0.27 -4.10 -36.79
C TYR B 44 -0.60 -5.13 -37.87
N LYS B 45 -1.90 -5.35 -38.08
CA LYS B 45 -2.40 -6.30 -39.08
C LYS B 45 -1.72 -6.09 -40.44
N GLY B 46 -1.10 -7.16 -40.94
CA GLY B 46 -0.48 -7.12 -42.25
C GLY B 46 0.85 -6.40 -42.36
N THR B 47 1.34 -5.74 -41.28
CA THR B 47 2.68 -5.13 -41.28
C THR B 47 3.75 -6.22 -41.13
N PRO B 48 4.78 -6.23 -41.97
CA PRO B 48 5.87 -7.19 -41.79
C PRO B 48 6.84 -6.68 -40.73
N GLY B 49 6.97 -7.44 -39.64
CA GLY B 49 7.95 -7.14 -38.63
C GLY B 49 8.99 -8.22 -38.54
N PRO B 50 10.01 -8.01 -37.71
CA PRO B 50 11.03 -9.05 -37.53
C PRO B 50 10.41 -10.38 -37.13
N ALA B 51 10.99 -11.46 -37.66
CA ALA B 51 10.63 -12.78 -37.16
C ALA B 51 11.23 -12.92 -35.77
N VAL B 52 10.42 -13.38 -34.85
CA VAL B 52 10.71 -13.38 -33.42
C VAL B 52 10.55 -14.79 -32.92
N ARG B 53 11.20 -15.08 -31.80
CA ARG B 53 11.04 -16.33 -31.10
C ARG B 53 10.55 -16.01 -29.69
N TRP B 54 9.34 -16.45 -29.35
CA TRP B 54 8.79 -16.22 -28.01
C TRP B 54 9.40 -17.21 -27.02
N LYS B 55 10.07 -16.68 -25.98
CA LYS B 55 10.67 -17.48 -24.94
C LYS B 55 10.16 -17.03 -23.58
N ARG B 56 10.07 -18.01 -22.62
CA ARG B 56 9.84 -17.81 -21.21
C ARG B 56 11.18 -17.54 -20.53
N PRO B 57 11.16 -16.84 -19.40
CA PRO B 57 12.44 -16.43 -18.77
C PRO B 57 13.43 -17.56 -18.54
N LYS B 58 12.99 -18.72 -18.02
CA LYS B 58 13.90 -19.85 -17.82
C LYS B 58 14.68 -20.18 -19.07
N GLY B 59 14.05 -20.08 -20.23
CA GLY B 59 14.79 -20.32 -21.45
C GLY B 59 15.65 -19.17 -21.91
N ILE B 60 15.47 -18.00 -21.32
CA ILE B 60 16.29 -16.85 -21.65
C ILE B 60 17.52 -16.79 -20.76
N CYS B 61 17.32 -16.92 -19.45
CA CYS B 61 18.43 -16.88 -18.49
C CYS B 61 17.99 -17.59 -17.22
N GLU B 62 18.74 -18.58 -16.80
CA GLU B 62 18.42 -19.31 -15.58
C GLU B 62 18.31 -18.38 -14.38
N ASP B 63 17.61 -18.86 -13.35
CA ASP B 63 17.29 -18.08 -12.17
C ASP B 63 16.60 -16.75 -12.50
N PRO B 64 15.44 -16.81 -13.15
CA PRO B 64 14.78 -15.56 -13.53
C PRO B 64 14.15 -14.88 -12.32
N ARG B 65 14.28 -13.55 -12.27
CA ARG B 65 13.76 -12.74 -11.17
C ARG B 65 12.96 -11.55 -11.71
N LEU B 66 11.91 -11.18 -10.99
CA LEU B 66 11.25 -9.90 -11.21
C LEU B 66 12.20 -8.75 -10.93
N PHE B 67 12.79 -8.76 -9.74
CA PHE B 67 13.84 -7.82 -9.36
C PHE B 67 15.07 -8.62 -8.98
N VAL B 68 16.18 -8.31 -9.65
CA VAL B 68 17.49 -8.67 -9.15
C VAL B 68 17.88 -7.56 -8.20
N ASP B 69 17.92 -7.88 -6.90
CA ASP B 69 18.11 -6.86 -5.87
C ASP B 69 16.91 -5.91 -5.83
N GLY B 70 17.11 -4.64 -6.17
CA GLY B 70 16.08 -3.62 -6.09
C GLY B 70 15.58 -3.16 -7.45
N ILE B 71 14.52 -2.35 -7.42
CA ILE B 71 13.79 -1.98 -8.63
C ILE B 71 14.54 -0.91 -9.45
N SER B 72 15.12 0.07 -8.78
CA SER B 72 15.90 1.09 -9.48
C SER B 72 17.36 0.87 -9.14
N SER B 73 17.78 -0.40 -9.31
CA SER B 73 19.13 -0.88 -9.12
C SER B 73 19.83 -1.18 -10.44
N HIS B 74 19.10 -1.70 -11.43
CA HIS B 74 19.70 -2.04 -12.71
C HIS B 74 19.24 -1.08 -13.79
N ASP B 75 20.14 -0.85 -14.73
CA ASP B 75 19.87 0.06 -15.81
C ASP B 75 18.81 -0.54 -16.72
N LEU B 76 18.13 0.32 -17.43
CA LEU B 76 17.08 -0.08 -18.35
C LEU B 76 17.48 0.31 -19.75
N HIS B 77 17.19 -0.59 -20.69
CA HIS B 77 17.40 -0.34 -22.10
C HIS B 77 16.09 -0.61 -22.82
N GLN B 78 15.78 0.23 -23.84
CA GLN B 78 14.55 0.04 -24.61
C GLN B 78 14.65 -1.10 -25.61
N GLY B 79 15.84 -1.34 -26.13
CA GLY B 79 16.10 -2.43 -27.06
C GLY B 79 16.18 -1.97 -28.50
N GLN B 80 16.35 -2.98 -29.36
CA GLN B 80 16.47 -2.77 -30.79
C GLN B 80 15.23 -2.10 -31.36
N VAL B 81 14.05 -2.42 -30.81
CA VAL B 81 12.77 -1.97 -31.35
C VAL B 81 11.83 -1.42 -30.27
N GLY B 82 12.35 -1.28 -29.04
CA GLY B 82 11.58 -0.72 -27.94
C GLY B 82 11.47 0.79 -28.00
N ASN B 83 10.76 1.35 -27.02
CA ASN B 83 10.41 2.77 -27.00
C ASN B 83 11.02 3.45 -25.79
N CYS B 84 11.88 4.46 -26.05
CA CYS B 84 12.52 5.21 -24.97
C CYS B 84 11.52 5.79 -24.00
N TRP B 85 10.37 6.31 -24.49
CA TRP B 85 9.41 6.95 -23.60
C TRP B 85 8.93 5.98 -22.52
N PHE B 86 8.83 4.69 -22.86
CA PHE B 86 8.42 3.71 -21.86
C PHE B 86 9.51 3.50 -20.82
N VAL B 87 10.77 3.63 -21.21
CA VAL B 87 11.89 3.50 -20.27
C VAL B 87 11.84 4.63 -19.24
N ALA B 88 11.73 5.86 -19.72
CA ALA B 88 11.52 6.99 -18.82
C ALA B 88 10.38 6.70 -17.85
N ALA B 89 9.23 6.29 -18.37
CA ALA B 89 8.05 6.06 -17.54
C ALA B 89 8.31 4.99 -16.47
N CYS B 90 9.00 3.92 -16.83
CA CYS B 90 9.28 2.90 -15.84
C CYS B 90 10.25 3.41 -14.78
N SER B 91 11.23 4.23 -15.19
CA SER B 91 12.17 4.80 -14.25
C SER B 91 11.45 5.61 -13.19
N SER B 92 10.68 6.60 -13.64
CA SER B 92 9.84 7.37 -12.72
C SER B 92 9.00 6.45 -11.84
N LEU B 93 8.29 5.51 -12.46
CA LEU B 93 7.48 4.57 -11.69
C LEU B 93 8.30 3.86 -10.62
N ALA B 94 9.54 3.50 -10.95
CA ALA B 94 10.38 2.84 -9.98
C ALA B 94 10.85 3.76 -8.85
N SER B 95 10.80 5.09 -9.05
CA SER B 95 11.17 6.05 -8.02
C SER B 95 10.55 5.71 -6.67
N ARG B 96 9.23 5.49 -6.66
CA ARG B 96 8.46 5.51 -5.43
C ARG B 96 7.82 4.16 -5.20
N GLU B 97 8.27 3.47 -4.14
CA GLU B 97 7.72 2.19 -3.74
C GLU B 97 6.19 2.23 -3.71
N SER B 98 5.62 3.28 -3.13
CA SER B 98 4.16 3.39 -3.07
C SER B 98 3.51 3.28 -4.45
N LEU B 99 4.20 3.68 -5.52
CA LEU B 99 3.58 3.66 -6.82
C LEU B 99 3.82 2.35 -7.58
N TRP B 100 5.07 1.95 -7.73
CA TRP B 100 5.33 0.74 -8.51
C TRP B 100 4.73 -0.48 -7.86
N GLN B 101 4.66 -0.50 -6.53
CA GLN B 101 3.96 -1.61 -5.88
C GLN B 101 2.45 -1.55 -6.12
N LYS B 102 1.91 -0.45 -6.66
CA LYS B 102 0.51 -0.40 -7.07
C LYS B 102 0.33 -1.02 -8.45
N VAL B 103 1.21 -0.67 -9.38
CA VAL B 103 1.20 -1.28 -10.70
C VAL B 103 1.60 -2.76 -10.63
N ILE B 104 2.49 -3.14 -9.71
CA ILE B 104 2.94 -4.54 -9.57
C ILE B 104 2.46 -5.13 -8.24
N PRO B 105 1.28 -5.71 -8.18
CA PRO B 105 0.70 -6.11 -6.90
C PRO B 105 1.33 -7.35 -6.30
N ASP B 106 1.33 -7.38 -4.97
CA ASP B 106 1.83 -8.52 -4.19
C ASP B 106 3.15 -8.99 -4.75
N TRP B 107 4.08 -8.05 -4.94
CA TRP B 107 5.24 -8.36 -5.76
C TRP B 107 5.96 -9.61 -5.27
N LYS B 108 6.05 -9.80 -3.96
CA LYS B 108 6.74 -11.00 -3.48
C LYS B 108 5.93 -12.27 -3.72
N GLU B 109 4.60 -12.18 -3.85
CA GLU B 109 3.78 -13.35 -4.20
C GLU B 109 3.97 -13.77 -5.66
N GLN B 110 4.39 -12.83 -6.51
CA GLN B 110 4.64 -13.12 -7.92
C GLN B 110 6.07 -13.55 -8.19
N GLU B 111 7.01 -13.03 -7.42
CA GLU B 111 8.43 -13.23 -7.69
C GLU B 111 8.75 -14.71 -7.69
N TRP B 112 9.75 -15.07 -8.51
CA TRP B 112 10.20 -16.44 -8.55
C TRP B 112 10.75 -16.81 -7.19
N ASP B 113 10.66 -18.09 -6.83
CA ASP B 113 11.29 -18.57 -5.61
C ASP B 113 12.03 -19.86 -5.95
N PRO B 114 13.36 -19.86 -5.89
CA PRO B 114 14.10 -21.12 -6.11
C PRO B 114 13.69 -22.22 -5.13
N GLU B 115 13.61 -21.92 -3.83
CA GLU B 115 12.87 -22.81 -2.94
C GLU B 115 11.40 -22.82 -3.40
N LYS B 116 10.70 -23.92 -3.15
CA LYS B 116 9.33 -24.11 -3.65
C LYS B 116 9.18 -23.71 -5.13
N PRO B 117 9.81 -24.44 -6.05
CA PRO B 117 9.73 -24.07 -7.47
C PRO B 117 8.37 -24.30 -8.11
N ASN B 118 7.59 -25.28 -7.62
CA ASN B 118 6.23 -25.49 -8.16
C ASN B 118 5.27 -24.37 -7.80
N ALA B 119 5.79 -23.27 -7.24
CA ALA B 119 5.05 -22.01 -7.22
C ALA B 119 4.82 -21.50 -8.64
N TYR B 120 5.85 -21.55 -9.48
CA TYR B 120 5.81 -20.92 -10.79
C TYR B 120 4.64 -21.43 -11.63
N ALA B 121 4.06 -20.53 -12.42
CA ALA B 121 2.96 -20.92 -13.29
C ALA B 121 2.90 -20.08 -14.57
N GLY B 122 4.00 -19.48 -14.99
CA GLY B 122 4.04 -18.71 -16.22
C GLY B 122 3.06 -17.56 -16.31
N ILE B 123 2.60 -17.02 -15.17
CA ILE B 123 1.54 -16.03 -15.16
C ILE B 123 1.87 -14.88 -14.21
N PHE B 124 1.50 -13.67 -14.61
CA PHE B 124 1.70 -12.43 -13.87
C PHE B 124 0.48 -11.52 -14.06
N HIS B 125 0.32 -10.56 -13.15
CA HIS B 125 -0.78 -9.61 -13.25
C HIS B 125 -0.33 -8.24 -12.76
N PHE B 126 -0.86 -7.19 -13.37
CA PHE B 126 -0.50 -5.80 -13.09
C PHE B 126 -1.78 -4.95 -13.04
N HIS B 127 -1.69 -3.78 -12.42
CA HIS B 127 -2.83 -2.86 -12.37
C HIS B 127 -2.52 -1.63 -13.21
N PHE B 128 -3.52 -1.12 -13.93
CA PHE B 128 -3.36 0.13 -14.66
C PHE B 128 -4.60 0.99 -14.44
N TRP B 129 -4.45 2.28 -14.68
CA TRP B 129 -5.54 3.22 -14.49
C TRP B 129 -6.08 3.59 -15.86
N ARG B 130 -7.24 3.02 -16.18
CA ARG B 130 -7.97 3.34 -17.40
C ARG B 130 -9.39 3.77 -17.05
N PHE B 131 -9.81 4.88 -17.64
CA PHE B 131 -11.17 5.43 -17.52
C PHE B 131 -11.68 5.34 -16.08
N GLY B 132 -10.95 6.04 -15.20
CA GLY B 132 -11.41 6.24 -13.84
C GLY B 132 -11.46 5.02 -12.96
N GLU B 133 -10.80 3.92 -13.31
CA GLU B 133 -10.80 2.76 -12.42
C GLU B 133 -9.52 1.96 -12.62
N TRP B 134 -9.18 1.18 -11.60
CA TRP B 134 -8.03 0.29 -11.64
C TRP B 134 -8.40 -1.03 -12.32
N VAL B 135 -7.75 -1.33 -13.46
CA VAL B 135 -7.95 -2.57 -14.19
C VAL B 135 -6.81 -3.54 -13.86
N ASP B 136 -7.12 -4.84 -13.86
CA ASP B 136 -6.15 -5.92 -13.59
C ASP B 136 -5.87 -6.64 -14.91
N VAL B 137 -4.67 -6.46 -15.44
CA VAL B 137 -4.27 -7.04 -16.72
C VAL B 137 -3.48 -8.32 -16.49
N VAL B 138 -3.97 -9.43 -17.02
CA VAL B 138 -3.30 -10.72 -16.86
C VAL B 138 -2.54 -11.07 -18.13
N ILE B 139 -1.34 -11.64 -17.97
CA ILE B 139 -0.51 -12.12 -19.08
C ILE B 139 0.27 -13.36 -18.64
N ASP B 140 0.68 -14.14 -19.63
CA ASP B 140 1.75 -15.13 -19.50
C ASP B 140 3.10 -14.43 -19.70
N ASP B 141 4.18 -15.07 -19.25
CA ASP B 141 5.47 -14.40 -19.23
C ASP B 141 6.36 -14.68 -20.47
N ARG B 142 5.79 -15.06 -21.60
CA ARG B 142 6.60 -15.29 -22.77
C ARG B 142 6.92 -13.96 -23.45
N LEU B 143 8.18 -13.79 -23.84
CA LEU B 143 8.63 -12.50 -24.34
C LEU B 143 9.33 -12.63 -25.69
N PRO B 144 9.26 -11.59 -26.52
CA PRO B 144 10.01 -11.58 -27.78
C PRO B 144 11.51 -11.75 -27.59
N THR B 145 12.12 -12.54 -28.48
CA THR B 145 13.55 -12.85 -28.43
C THR B 145 14.17 -12.84 -29.82
N VAL B 146 15.37 -12.29 -29.92
CA VAL B 146 16.27 -12.46 -31.06
C VAL B 146 17.64 -12.85 -30.53
N ASN B 147 18.14 -14.02 -30.91
CA ASN B 147 19.42 -14.52 -30.41
C ASN B 147 19.40 -14.55 -28.90
N ASN B 148 18.38 -15.21 -28.35
CA ASN B 148 18.15 -15.29 -26.91
C ASN B 148 18.29 -13.94 -26.20
N GLN B 149 17.86 -12.83 -26.82
CA GLN B 149 17.99 -11.48 -26.25
C GLN B 149 16.69 -10.70 -26.43
N LEU B 150 16.23 -10.05 -25.36
CA LEU B 150 15.02 -9.27 -25.43
C LEU B 150 15.18 -8.11 -26.42
N ILE B 151 14.15 -7.89 -27.23
CA ILE B 151 14.18 -6.82 -28.23
C ILE B 151 13.32 -5.64 -27.85
N TYR B 152 12.46 -5.79 -26.86
CA TYR B 152 11.81 -4.65 -26.24
C TYR B 152 12.46 -4.39 -24.87
N CYS B 153 11.78 -3.63 -24.03
CA CYS B 153 12.42 -3.12 -22.82
C CYS B 153 12.86 -4.23 -21.89
N HIS B 154 14.02 -4.02 -21.27
CA HIS B 154 14.68 -4.96 -20.37
C HIS B 154 15.65 -4.18 -19.52
N SER B 155 16.35 -4.88 -18.64
CA SER B 155 17.35 -4.23 -17.82
C SER B 155 18.75 -4.74 -18.15
N ASN B 156 19.77 -4.10 -17.56
CA ASN B 156 21.17 -4.50 -17.78
C ASN B 156 21.42 -5.89 -17.24
N SER B 157 20.64 -6.29 -16.24
CA SER B 157 20.74 -7.62 -15.66
C SER B 157 19.88 -8.55 -16.49
N ARG B 158 20.52 -9.49 -17.22
CA ARG B 158 19.77 -10.28 -18.20
C ARG B 158 18.85 -11.31 -17.57
N ASN B 159 18.75 -11.40 -16.26
CA ASN B 159 17.71 -12.19 -15.63
C ASN B 159 16.74 -11.33 -14.83
N GLU B 160 16.58 -10.06 -15.22
CA GLU B 160 15.59 -9.18 -14.61
C GLU B 160 14.46 -8.90 -15.60
N PHE B 161 13.20 -9.09 -15.15
CA PHE B 161 12.08 -9.11 -16.06
C PHE B 161 10.93 -8.17 -15.73
N TRP B 162 10.94 -7.51 -14.58
CA TRP B 162 9.81 -6.67 -14.21
C TRP B 162 9.51 -5.65 -15.28
N CYS B 163 10.54 -4.96 -15.77
CA CYS B 163 10.32 -3.97 -16.82
C CYS B 163 9.75 -4.63 -18.08
N ALA B 164 10.25 -5.82 -18.41
CA ALA B 164 9.83 -6.49 -19.62
C ALA B 164 8.36 -6.87 -19.57
N LEU B 165 7.92 -7.39 -18.41
CA LEU B 165 6.55 -7.82 -18.24
C LEU B 165 5.60 -6.64 -18.19
N VAL B 166 5.91 -5.63 -17.38
CA VAL B 166 5.08 -4.43 -17.35
C VAL B 166 4.87 -3.91 -18.76
N GLU B 167 5.89 -4.02 -19.60
CA GLU B 167 5.73 -3.63 -20.99
C GLU B 167 4.74 -4.54 -21.70
N LYS B 168 4.95 -5.86 -21.64
CA LYS B 168 4.06 -6.78 -22.36
C LYS B 168 2.61 -6.52 -21.99
N ALA B 169 2.34 -6.45 -20.69
CA ALA B 169 1.00 -6.12 -20.22
C ALA B 169 0.58 -4.75 -20.70
N TYR B 170 1.46 -3.78 -20.62
CA TYR B 170 1.07 -2.48 -21.12
C TYR B 170 0.72 -2.56 -22.60
N ALA B 171 1.46 -3.38 -23.36
CA ALA B 171 1.17 -3.53 -24.78
C ALA B 171 -0.16 -4.23 -25.00
N LYS B 172 -0.50 -5.22 -24.17
CA LYS B 172 -1.82 -5.85 -24.25
C LYS B 172 -2.92 -4.80 -24.14
N LEU B 173 -2.77 -3.87 -23.20
CA LEU B 173 -3.72 -2.76 -23.06
C LEU B 173 -3.71 -1.85 -24.28
N ALA B 174 -2.57 -1.75 -24.96
CA ALA B 174 -2.53 -0.94 -26.16
C ALA B 174 -3.04 -1.72 -27.38
N GLY B 175 -2.99 -3.05 -27.31
CA GLY B 175 -3.40 -3.92 -28.39
C GLY B 175 -2.27 -4.81 -28.87
N CYS B 176 -1.11 -4.20 -29.14
CA CYS B 176 0.09 -4.89 -29.59
C CYS B 176 1.30 -4.02 -29.29
N TYR B 177 2.48 -4.66 -29.26
CA TYR B 177 3.72 -3.95 -29.02
C TYR B 177 3.82 -2.73 -29.92
N GLN B 178 3.59 -2.92 -31.23
CA GLN B 178 3.78 -1.81 -32.17
C GLN B 178 2.91 -0.60 -31.83
N ALA B 179 1.78 -0.81 -31.15
CA ALA B 179 0.94 0.31 -30.74
C ALA B 179 1.71 1.25 -29.83
N LEU B 180 2.53 0.68 -28.93
CA LEU B 180 3.27 1.50 -28.00
C LEU B 180 4.10 2.59 -28.64
N ASP B 181 4.42 2.49 -29.94
CA ASP B 181 5.18 3.59 -30.53
C ASP B 181 4.42 4.91 -30.50
N GLY B 182 3.09 4.86 -30.39
CA GLY B 182 2.27 6.06 -30.32
C GLY B 182 2.20 6.69 -28.96
N GLY B 183 2.52 5.94 -27.91
CA GLY B 183 2.45 6.42 -26.54
C GLY B 183 3.48 7.48 -26.18
N ASN B 184 3.48 7.82 -24.89
CA ASN B 184 4.35 8.87 -24.38
C ASN B 184 4.45 8.78 -22.86
N THR B 185 5.47 9.43 -22.31
CA THR B 185 5.76 9.30 -20.88
C THR B 185 4.61 9.84 -20.02
N ALA B 186 4.03 10.98 -20.40
CA ALA B 186 2.96 11.58 -19.60
C ALA B 186 1.81 10.61 -19.38
N ASP B 187 1.13 10.20 -20.48
CA ASP B 187 -0.03 9.30 -20.40
C ASP B 187 0.31 8.00 -19.70
N ALA B 188 1.57 7.55 -19.82
CA ALA B 188 1.98 6.36 -19.10
C ALA B 188 1.99 6.63 -17.59
N LEU B 189 2.38 7.84 -17.18
CA LEU B 189 2.40 8.08 -15.74
C LEU B 189 0.99 8.15 -15.19
N VAL B 190 0.06 8.74 -15.95
CA VAL B 190 -1.35 8.72 -15.55
C VAL B 190 -1.87 7.29 -15.52
N ASP B 191 -1.59 6.49 -16.55
CA ASP B 191 -2.05 5.10 -16.52
C ASP B 191 -1.44 4.32 -15.38
N PHE B 192 -0.28 4.74 -14.85
CA PHE B 192 0.52 4.06 -13.83
C PHE B 192 0.13 4.44 -12.41
N THR B 193 -0.23 5.70 -12.21
CA THR B 193 -0.49 6.27 -10.89
C THR B 193 -1.94 6.63 -10.63
N GLY B 194 -2.75 6.78 -11.66
CA GLY B 194 -4.09 7.28 -11.49
C GLY B 194 -4.17 8.77 -11.35
N GLY B 195 -3.06 9.48 -11.51
CA GLY B 195 -3.02 10.90 -11.27
C GLY B 195 -3.41 11.71 -12.48
N VAL B 196 -2.87 12.92 -12.55
CA VAL B 196 -3.10 13.84 -13.65
C VAL B 196 -1.76 14.31 -14.16
N SER B 197 -1.61 14.37 -15.47
CA SER B 197 -0.37 14.84 -16.07
C SER B 197 -0.50 16.28 -16.50
N GLU B 198 0.62 16.99 -16.43
CA GLU B 198 0.67 18.30 -17.06
C GLU B 198 2.01 18.43 -17.76
N PRO B 199 2.04 18.61 -19.07
CA PRO B 199 3.30 18.90 -19.73
C PRO B 199 3.60 20.39 -19.74
N ILE B 200 4.89 20.70 -19.71
CA ILE B 200 5.38 22.07 -19.78
C ILE B 200 6.50 22.08 -20.82
N ASP B 201 6.38 22.97 -21.80
CA ASP B 201 7.38 23.11 -22.86
C ASP B 201 8.29 24.27 -22.53
N LEU B 202 9.57 23.97 -22.30
CA LEU B 202 10.53 24.99 -21.91
C LEU B 202 10.94 25.85 -23.08
N THR B 203 11.08 25.25 -24.27
CA THR B 203 11.52 26.01 -25.42
C THR B 203 10.40 26.88 -25.98
N GLU B 204 9.14 26.55 -25.68
CA GLU B 204 8.07 27.54 -25.75
C GLU B 204 8.03 28.23 -24.38
N GLY B 205 7.49 29.44 -24.34
CA GLY B 205 7.42 30.12 -23.05
C GLY B 205 8.71 30.78 -22.59
N ASP B 206 9.86 30.30 -23.07
CA ASP B 206 11.15 30.97 -22.88
C ASP B 206 11.63 30.99 -21.42
N PHE B 207 11.48 29.87 -20.71
CA PHE B 207 11.93 29.80 -19.32
C PHE B 207 13.43 30.03 -19.16
N ALA B 208 14.23 29.67 -20.16
CA ALA B 208 15.68 29.87 -20.11
C ALA B 208 16.04 31.33 -19.85
N ASN B 209 15.16 32.26 -20.18
CA ASN B 209 15.32 33.67 -19.86
C ASN B 209 14.41 33.97 -18.67
N ASP B 210 13.38 34.83 -18.87
CA ASP B 210 12.35 35.20 -17.90
C ASP B 210 12.50 34.56 -16.52
N GLU B 211 13.34 35.14 -15.66
CA GLU B 211 13.63 34.54 -14.35
C GLU B 211 12.35 34.35 -13.52
N THR B 212 11.39 35.25 -13.61
CA THR B 212 10.22 35.16 -12.75
C THR B 212 9.33 33.96 -13.11
N LYS B 213 9.07 33.73 -14.40
CA LYS B 213 8.37 32.50 -14.76
C LYS B 213 9.20 31.26 -14.44
N ARG B 214 10.54 31.36 -14.50
CA ARG B 214 11.37 30.26 -14.04
C ARG B 214 11.11 29.94 -12.58
N ASN B 215 11.00 30.98 -11.74
CA ASN B 215 10.73 30.76 -10.32
C ASN B 215 9.33 30.18 -10.12
N GLN B 216 8.32 30.77 -10.77
CA GLN B 216 6.97 30.22 -10.74
C GLN B 216 6.95 28.73 -11.03
N LEU B 217 7.54 28.33 -12.16
CA LEU B 217 7.58 26.92 -12.49
C LEU B 217 8.28 26.13 -11.40
N PHE B 218 9.46 26.59 -10.97
CA PHE B 218 10.20 25.87 -9.95
C PHE B 218 9.37 25.65 -8.68
N GLU B 219 8.67 26.70 -8.22
CA GLU B 219 7.84 26.59 -7.03
C GLU B 219 6.73 25.56 -7.22
N ARG B 220 6.07 25.58 -8.38
CA ARG B 220 5.08 24.56 -8.68
C ARG B 220 5.68 23.17 -8.61
N MET B 221 6.88 22.98 -9.14
CA MET B 221 7.48 21.66 -9.13
C MET B 221 7.81 21.19 -7.73
N LEU B 222 8.32 22.11 -6.89
CA LEU B 222 8.56 21.80 -5.47
C LEU B 222 7.31 21.21 -4.82
N LYS B 223 6.15 21.82 -5.11
CA LYS B 223 4.89 21.38 -4.53
C LYS B 223 4.53 19.98 -5.01
N VAL B 224 4.65 19.74 -6.32
CA VAL B 224 4.26 18.43 -6.86
C VAL B 224 5.11 17.34 -6.27
N HIS B 225 6.43 17.52 -6.28
CA HIS B 225 7.32 16.50 -5.78
C HIS B 225 7.09 16.24 -4.29
N SER B 226 6.99 17.32 -3.50
CA SER B 226 6.72 17.15 -2.08
C SER B 226 5.37 16.48 -1.83
N ARG B 227 4.40 16.67 -2.72
CA ARG B 227 3.13 15.98 -2.53
C ARG B 227 3.14 14.57 -3.06
N GLY B 228 4.30 14.07 -3.47
CA GLY B 228 4.42 12.71 -3.95
C GLY B 228 4.14 12.53 -5.42
N GLY B 229 4.11 13.61 -6.20
CA GLY B 229 3.99 13.51 -7.65
C GLY B 229 5.26 12.96 -8.27
N LEU B 230 5.23 12.86 -9.59
CA LEU B 230 6.37 12.42 -10.38
C LEU B 230 6.74 13.55 -11.33
N ILE B 231 8.03 13.74 -11.57
CA ILE B 231 8.49 14.66 -12.58
C ILE B 231 9.55 13.97 -13.39
N SER B 232 9.55 14.24 -14.70
CA SER B 232 10.50 13.71 -15.67
C SER B 232 10.88 14.85 -16.59
N ALA B 233 12.15 14.89 -17.00
CA ALA B 233 12.64 15.96 -17.86
C ALA B 233 13.28 15.34 -19.09
N SER B 234 12.90 15.85 -20.27
CA SER B 234 13.29 15.26 -21.53
C SER B 234 13.94 16.31 -22.42
N ILE B 235 14.67 15.81 -23.41
CA ILE B 235 15.23 16.61 -24.49
C ILE B 235 14.51 16.18 -25.77
N LYS B 236 13.85 17.12 -26.42
CA LYS B 236 13.01 16.81 -27.58
C LYS B 236 13.88 16.40 -28.76
N ALA B 237 13.87 15.10 -29.09
CA ALA B 237 14.51 14.64 -30.32
C ALA B 237 13.58 14.92 -31.50
N VAL B 238 13.88 15.93 -32.29
CA VAL B 238 12.92 16.37 -33.30
C VAL B 238 13.03 15.53 -34.56
N THR B 239 14.21 15.51 -35.17
CA THR B 239 14.41 14.67 -36.34
C THR B 239 14.78 13.25 -35.93
N ALA B 240 14.77 12.37 -36.93
CA ALA B 240 15.29 11.01 -36.74
C ALA B 240 16.79 11.03 -36.50
N ALA B 241 17.50 11.97 -37.13
CA ALA B 241 18.93 12.13 -36.85
C ALA B 241 19.19 12.51 -35.40
N ASP B 242 18.19 13.09 -34.71
CA ASP B 242 18.36 13.49 -33.32
C ASP B 242 18.32 12.33 -32.33
N MET B 243 17.56 11.27 -32.62
CA MET B 243 17.36 10.19 -31.66
C MET B 243 18.66 9.70 -31.08
N GLU B 244 18.73 9.74 -29.73
CA GLU B 244 19.86 9.27 -28.92
C GLU B 244 21.16 9.94 -29.33
N ALA B 245 21.09 11.22 -29.68
CA ALA B 245 22.30 11.98 -29.93
C ALA B 245 22.75 12.55 -28.60
N ARG B 246 24.07 12.45 -28.36
CA ARG B 246 24.70 13.00 -27.17
C ARG B 246 24.92 14.49 -27.36
N LEU B 247 24.52 15.29 -26.38
CA LEU B 247 24.85 16.71 -26.38
C LEU B 247 26.26 16.93 -25.83
N ALA B 248 26.77 18.14 -26.05
CA ALA B 248 28.09 18.47 -25.52
C ALA B 248 28.15 18.29 -24.01
N CYS B 249 27.07 18.65 -23.31
CA CYS B 249 27.01 18.49 -21.86
C CYS B 249 26.70 17.07 -21.43
N GLY B 250 26.45 16.15 -22.34
CA GLY B 250 26.42 14.73 -22.05
C GLY B 250 25.04 14.09 -22.01
N LEU B 251 23.99 14.90 -21.91
CA LEU B 251 22.63 14.39 -21.95
C LEU B 251 22.27 13.95 -23.36
N VAL B 252 21.26 13.10 -23.45
CA VAL B 252 20.93 12.37 -24.67
C VAL B 252 19.61 12.89 -25.21
N LYS B 253 19.62 13.41 -26.44
CA LYS B 253 18.36 13.78 -27.10
C LYS B 253 17.50 12.54 -27.27
N GLY B 254 16.21 12.65 -26.91
CA GLY B 254 15.29 11.53 -26.99
C GLY B 254 15.20 10.70 -25.72
N HIS B 255 15.96 11.04 -24.70
CA HIS B 255 15.84 10.41 -23.39
C HIS B 255 15.16 11.40 -22.44
N ALA B 256 14.55 10.84 -21.40
CA ALA B 256 13.92 11.65 -20.38
C ALA B 256 14.37 11.13 -19.03
N TYR B 257 14.54 12.06 -18.10
CA TYR B 257 15.24 11.77 -16.86
C TYR B 257 14.31 11.99 -15.68
N ALA B 258 14.32 11.05 -14.75
CA ALA B 258 13.38 11.09 -13.64
C ALA B 258 13.91 12.04 -12.57
N VAL B 259 13.11 13.05 -12.23
CA VAL B 259 13.46 13.91 -11.11
C VAL B 259 13.30 13.12 -9.82
N THR B 260 14.36 13.03 -9.04
CA THR B 260 14.29 12.38 -7.73
C THR B 260 14.43 13.36 -6.57
N ASP B 261 14.67 14.64 -6.85
CA ASP B 261 14.57 15.67 -5.82
C ASP B 261 14.53 17.04 -6.47
N VAL B 262 13.82 17.95 -5.81
CA VAL B 262 13.74 19.36 -6.17
C VAL B 262 13.76 20.13 -4.86
N ARG B 263 14.66 21.10 -4.75
CA ARG B 263 15.04 21.54 -3.41
C ARG B 263 15.70 22.91 -3.47
N LYS B 264 15.26 23.81 -2.59
CA LYS B 264 16.02 25.00 -2.30
C LYS B 264 17.11 24.59 -1.32
N VAL B 265 18.37 24.73 -1.72
CA VAL B 265 19.50 24.45 -0.83
C VAL B 265 20.07 25.77 -0.38
N ARG B 266 20.44 25.82 0.90
CA ARG B 266 21.10 26.97 1.52
C ARG B 266 22.58 26.66 1.71
N LEU B 267 23.45 27.46 1.11
CA LEU B 267 24.89 27.28 1.29
C LEU B 267 25.44 28.19 2.37
N GLY B 268 26.42 27.67 3.12
CA GLY B 268 26.96 28.41 4.25
C GLY B 268 27.79 29.61 3.82
N HIS B 269 27.86 30.61 4.71
CA HIS B 269 28.55 31.86 4.42
C HIS B 269 29.88 31.71 3.69
N GLY B 270 30.72 30.79 4.16
CA GLY B 270 32.08 30.68 3.63
C GLY B 270 32.13 30.43 2.13
N LEU B 271 31.07 29.83 1.57
CA LEU B 271 30.98 29.59 0.14
C LEU B 271 30.55 30.81 -0.66
N LEU B 272 29.97 31.82 -0.01
CA LEU B 272 29.45 32.98 -0.74
C LEU B 272 30.50 33.62 -1.63
N ALA B 273 31.78 33.51 -1.26
CA ALA B 273 32.85 34.11 -2.06
C ALA B 273 32.84 33.56 -3.48
N PHE B 274 32.69 32.25 -3.64
CA PHE B 274 32.76 31.61 -4.95
C PHE B 274 31.43 31.61 -5.70
N PHE B 275 30.33 31.40 -5.00
CA PHE B 275 29.05 31.17 -5.67
C PHE B 275 28.21 32.43 -5.90
N LYS B 276 28.39 33.47 -5.07
CA LYS B 276 27.58 34.69 -5.18
C LYS B 276 26.08 34.42 -5.09
N SER B 277 25.69 33.59 -4.11
CA SER B 277 24.29 33.39 -3.75
C SER B 277 24.23 32.60 -2.46
N GLU B 278 23.19 32.86 -1.65
CA GLU B 278 22.97 32.10 -0.42
C GLU B 278 22.02 30.90 -0.61
N LYS B 279 21.05 31.01 -1.53
CA LYS B 279 20.08 29.96 -1.79
C LYS B 279 20.10 29.60 -3.28
N LEU B 280 19.98 28.31 -3.60
CA LEU B 280 19.96 27.86 -4.98
C LEU B 280 18.78 26.94 -5.25
N ASP B 281 18.15 27.12 -6.41
CA ASP B 281 17.08 26.23 -6.85
C ASP B 281 17.73 25.05 -7.59
N MET B 282 17.61 23.85 -7.01
CA MET B 282 18.32 22.67 -7.45
C MET B 282 17.38 21.56 -7.87
N ILE B 283 17.84 20.73 -8.82
CA ILE B 283 17.19 19.50 -9.22
C ILE B 283 18.17 18.35 -9.20
N ARG B 284 17.71 17.19 -8.73
CA ARG B 284 18.41 15.91 -8.86
C ARG B 284 17.64 15.01 -9.82
N LEU B 285 18.33 14.49 -10.83
CA LEU B 285 17.70 13.62 -11.81
C LEU B 285 18.36 12.25 -11.77
N ARG B 286 17.68 11.25 -12.35
CA ARG B 286 18.25 9.92 -12.53
C ARG B 286 18.30 9.59 -14.01
N ASN B 287 19.44 9.09 -14.48
CA ASN B 287 19.50 8.52 -15.82
C ASN B 287 19.03 7.08 -15.74
N PRO B 288 17.88 6.74 -16.36
CA PRO B 288 17.38 5.35 -16.30
C PRO B 288 18.29 4.36 -16.99
N TRP B 289 19.10 4.82 -17.95
CA TRP B 289 19.95 3.96 -18.76
C TRP B 289 21.30 3.61 -18.13
N GLY B 290 21.60 4.10 -16.92
CA GLY B 290 22.85 3.76 -16.26
C GLY B 290 23.57 4.93 -15.60
N GLU B 291 24.89 4.99 -15.73
CA GLU B 291 25.68 6.03 -15.06
C GLU B 291 25.36 7.40 -15.63
N ARG B 292 25.37 8.38 -14.76
CA ARG B 292 25.00 9.73 -15.14
C ARG B 292 25.93 10.24 -16.24
N GLU B 293 25.48 11.29 -16.94
CA GLU B 293 26.20 11.88 -18.06
C GLU B 293 26.53 13.38 -17.93
N TRP B 294 25.85 14.11 -17.05
CA TRP B 294 25.98 15.58 -16.93
C TRP B 294 27.42 16.00 -16.60
N ASN B 295 27.87 17.06 -17.30
CA ASN B 295 29.25 17.58 -17.31
C ASN B 295 29.49 18.70 -16.30
N GLY B 296 28.47 19.10 -15.56
CA GLY B 296 28.53 20.21 -14.62
C GLY B 296 28.09 21.46 -15.33
N PRO B 297 27.87 22.54 -14.60
CA PRO B 297 27.95 22.76 -13.15
C PRO B 297 27.15 21.77 -12.30
N TRP B 298 27.81 21.25 -11.27
CA TRP B 298 27.27 20.38 -10.23
C TRP B 298 27.31 18.89 -10.58
N SER B 299 27.89 18.54 -11.71
CA SER B 299 28.34 17.17 -11.84
C SER B 299 29.32 16.89 -10.72
N ASP B 300 29.42 15.63 -10.32
CA ASP B 300 30.38 15.33 -9.27
C ASP B 300 31.83 15.55 -9.72
N THR B 301 32.07 15.84 -11.00
CA THR B 301 33.38 16.27 -11.48
C THR B 301 33.42 17.76 -11.73
N SER B 302 32.45 18.51 -11.24
CA SER B 302 32.40 19.92 -11.58
C SER B 302 33.25 20.73 -10.61
N GLU B 303 33.65 21.91 -11.07
CA GLU B 303 34.27 22.84 -10.14
C GLU B 303 33.31 23.11 -8.99
N GLU B 304 32.01 23.18 -9.29
CA GLU B 304 31.01 23.47 -8.28
C GLU B 304 30.93 22.37 -7.22
N TRP B 305 30.94 21.09 -7.63
CA TRP B 305 30.93 20.00 -6.65
C TRP B 305 32.19 20.04 -5.80
N GLN B 306 33.33 20.23 -6.47
CA GLN B 306 34.63 20.36 -5.84
C GLN B 306 34.80 21.77 -5.27
N LYS B 307 33.88 22.16 -4.40
CA LYS B 307 34.03 23.46 -3.77
C LYS B 307 33.23 23.41 -2.50
N VAL B 308 32.57 22.28 -2.28
CA VAL B 308 31.66 22.07 -1.17
C VAL B 308 32.03 20.73 -0.53
N SER B 309 32.42 20.79 0.74
CA SER B 309 32.82 19.59 1.47
C SER B 309 31.69 18.56 1.52
N LYS B 310 32.08 17.28 1.60
CA LYS B 310 31.08 16.23 1.74
C LYS B 310 30.21 16.44 2.96
N SER B 311 30.82 16.86 4.08
CA SER B 311 30.07 17.25 5.27
C SER B 311 28.98 18.27 4.93
N GLU B 312 29.31 19.24 4.08
CA GLU B 312 28.38 20.33 3.86
C GLU B 312 27.27 19.96 2.87
N ARG B 313 27.59 19.20 1.82
CA ARG B 313 26.54 18.73 0.93
C ARG B 313 25.54 17.90 1.71
N GLU B 314 26.03 17.04 2.60
CA GLU B 314 25.11 16.20 3.34
C GLU B 314 24.16 17.04 4.18
N LYS B 315 24.69 18.06 4.84
CA LYS B 315 23.85 18.97 5.62
C LYS B 315 22.83 19.65 4.72
N MET B 316 23.23 19.98 3.50
CA MET B 316 22.33 20.62 2.57
C MET B 316 21.36 19.63 1.91
N GLY B 317 21.63 18.34 1.97
CA GLY B 317 20.84 17.34 1.30
C GLY B 317 21.17 17.13 -0.16
N VAL B 318 22.30 17.65 -0.64
CA VAL B 318 22.72 17.42 -2.02
C VAL B 318 23.55 16.15 -2.05
N THR B 319 22.88 15.03 -1.89
CA THR B 319 23.47 13.71 -1.98
C THR B 319 22.82 12.94 -3.13
N VAL B 320 23.34 11.74 -3.38
CA VAL B 320 22.87 10.84 -4.42
C VAL B 320 22.94 9.42 -3.90
N GLN B 321 22.09 8.54 -4.44
CA GLN B 321 22.12 7.15 -4.03
C GLN B 321 23.16 6.31 -4.79
N ASP B 322 23.48 6.67 -6.03
CA ASP B 322 24.35 5.83 -6.84
C ASP B 322 24.81 6.62 -8.05
N ASP B 323 25.56 5.94 -8.92
CA ASP B 323 26.09 6.51 -10.16
C ASP B 323 25.01 7.03 -11.10
N GLY B 324 23.76 6.60 -10.90
CA GLY B 324 22.65 7.05 -11.74
C GLY B 324 22.18 8.47 -11.49
N GLU B 325 22.38 8.99 -10.29
CA GLU B 325 21.81 10.29 -9.98
C GLU B 325 22.80 11.41 -10.25
N PHE B 326 22.28 12.62 -10.32
CA PHE B 326 23.13 13.77 -10.60
C PHE B 326 22.32 15.03 -10.34
N TRP B 327 23.01 16.12 -10.02
CA TRP B 327 22.42 17.40 -9.63
C TRP B 327 22.64 18.46 -10.70
N MET B 328 21.64 19.31 -10.90
CA MET B 328 21.74 20.46 -11.79
C MET B 328 21.00 21.63 -11.16
N THR B 329 21.46 22.84 -11.43
CA THR B 329 20.67 23.98 -11.04
C THR B 329 19.46 24.07 -11.95
N PHE B 330 18.36 24.58 -11.41
CA PHE B 330 17.17 24.73 -12.23
C PHE B 330 17.46 25.61 -13.44
N GLU B 331 18.41 26.53 -13.31
CA GLU B 331 18.80 27.32 -14.47
C GLU B 331 19.36 26.44 -15.56
N ASP B 332 20.21 25.48 -15.20
CA ASP B 332 20.81 24.63 -16.22
C ASP B 332 19.77 23.69 -16.84
N VAL B 333 18.84 23.17 -16.03
CA VAL B 333 17.80 22.30 -16.58
C VAL B 333 16.96 23.06 -17.61
N CYS B 334 16.61 24.31 -17.32
CA CYS B 334 15.86 25.11 -18.28
C CYS B 334 16.71 25.46 -19.49
N ARG B 335 18.03 25.50 -19.31
CA ARG B 335 18.92 25.85 -20.40
C ARG B 335 19.06 24.69 -21.40
N TYR B 336 18.97 23.45 -20.93
CA TYR B 336 19.30 22.30 -21.74
C TYR B 336 18.14 21.35 -22.00
N PHE B 337 17.17 21.24 -21.11
CA PHE B 337 16.04 20.38 -21.40
C PHE B 337 14.98 21.13 -22.22
N THR B 338 14.14 20.37 -22.93
CA THR B 338 13.11 20.96 -23.77
C THR B 338 11.71 20.86 -23.16
N ASP B 339 11.41 19.78 -22.43
CA ASP B 339 10.08 19.60 -21.87
C ASP B 339 10.17 19.01 -20.48
N ILE B 340 9.17 19.37 -19.66
CA ILE B 340 8.94 18.81 -18.34
C ILE B 340 7.60 18.07 -18.35
N ILE B 341 7.59 16.83 -17.87
CA ILE B 341 6.35 16.12 -17.59
C ILE B 341 6.08 16.16 -16.09
N LYS B 342 4.87 16.54 -15.72
CA LYS B 342 4.51 16.79 -14.32
C LYS B 342 3.24 16.02 -14.02
N CYS B 343 3.37 14.88 -13.37
CA CYS B 343 2.23 14.01 -13.10
C CYS B 343 1.88 14.10 -11.61
N ARG B 344 0.89 14.94 -11.30
CA ARG B 344 0.39 15.09 -9.93
C ARG B 344 -0.31 13.82 -9.47
N VAL B 345 0.06 13.27 -8.34
CA VAL B 345 -0.62 12.08 -7.83
C VAL B 345 -1.91 12.48 -7.15
N ILE B 346 -2.93 11.63 -7.27
CA ILE B 346 -4.20 11.80 -6.58
C ILE B 346 -4.39 10.61 -5.67
N LEU B 347 -4.43 10.88 -4.36
CA LEU B 347 -4.33 9.86 -3.33
C LEU B 347 -5.62 9.08 -3.20
N GLU B 348 -6.74 9.76 -3.40
CA GLU B 348 -8.03 9.08 -3.43
C GLU B 348 -8.00 7.90 -4.39
N ASN B 349 -7.38 8.09 -5.56
CA ASN B 349 -7.31 7.01 -6.54
C ASN B 349 -6.41 5.87 -6.08
N LEU B 350 -5.45 6.13 -5.19
CA LEU B 350 -4.62 5.03 -4.72
C LEU B 350 -5.33 4.19 -3.67
N TYR B 351 -6.00 4.82 -2.71
CA TYR B 351 -6.59 4.11 -1.56
C TYR B 351 -7.63 3.07 -1.99
N PHE B 352 -8.11 3.15 -3.22
CA PHE B 352 -8.83 2.08 -3.97
C PHE B 352 -9.57 2.71 -5.16
#